data_1N7H
#
_entry.id   1N7H
#
_cell.length_a   116.860
_cell.length_b   124.440
_cell.length_c   110.490
_cell.angle_alpha   90.00
_cell.angle_beta   90.00
_cell.angle_gamma   90.00
#
_symmetry.space_group_name_H-M   'C 2 2 21'
#
loop_
_entity.id
_entity.type
_entity.pdbx_description
1 polymer GDP-D-mannose-4,6-dehydratase
2 non-polymer 'NADPH DIHYDRO-NICOTINAMIDE-ADENINE-DINUCLEOTIDE PHOSPHATE'
3 non-polymer "GUANOSINE-5'-DIPHOSPHATE"
4 water water
#
_entity_poly.entity_id   1
_entity_poly.type   'polypeptide(L)'
_entity_poly.pdbx_seq_one_letter_code
;MASENNGSRSDSESITAPKADSTVVEPRKIALITGITGQDGSYLTEFLLGKGYEVHGLIRRSSNFNTQRINHIYIDPHNV
NKALMKLHYADLTDASSLRRWIDVIKPDEVYNLAAQSHVAVSFEIPDYTADVVATGALRLLEAVRSHTIDSGRTVKYYQA
GSSEMFGSTPPPQSETTPFHPRSPYAASKCAAHWYTVNYREAYGLFACNGILFNHESPRRGENFVTRKITRALGRIKVGL
QTKLFLGNLQASRDWGFAGDYVEAMWLMLQQEKPDDYVVATEEGHTVEEFLDVSFGYLGLNWKDYVEIDQRYFRPAEVDN
LQGDASKAKEVLGWKPQVGFEKLVKMMVDEDLELAKREKVLVDAGYMDAKQQPLEHHHHHH
;
_entity_poly.pdbx_strand_id   A,B
#
loop_
_chem_comp.id
_chem_comp.type
_chem_comp.name
_chem_comp.formula
GDP RNA linking GUANOSINE-5'-DIPHOSPHATE 'C10 H15 N5 O11 P2'
NDP non-polymer 'NADPH DIHYDRO-NICOTINAMIDE-ADENINE-DINUCLEOTIDE PHOSPHATE' 'C21 H30 N7 O17 P3'
#
# COMPACT_ATOMS: atom_id res chain seq x y z
N ARG A 28 24.86 -6.11 -26.14
CA ARG A 28 24.78 -4.93 -25.22
C ARG A 28 23.57 -5.07 -24.30
N LYS A 29 23.77 -4.93 -23.01
CA LYS A 29 22.67 -5.04 -22.05
C LYS A 29 21.71 -3.89 -22.28
N ILE A 30 20.42 -4.16 -22.07
CA ILE A 30 19.38 -3.15 -22.27
C ILE A 30 18.70 -2.83 -20.95
N ALA A 31 18.63 -1.55 -20.61
CA ALA A 31 17.97 -1.13 -19.38
C ALA A 31 16.77 -0.27 -19.73
N LEU A 32 15.69 -0.43 -18.98
CA LEU A 32 14.49 0.39 -19.16
C LEU A 32 14.35 1.14 -17.86
N ILE A 33 14.33 2.48 -17.94
CA ILE A 33 14.21 3.29 -16.73
C ILE A 33 12.92 4.09 -16.73
N THR A 34 12.08 3.90 -15.71
CA THR A 34 10.89 4.74 -15.61
C THR A 34 11.38 5.89 -14.75
N GLY A 35 10.86 7.10 -14.97
CA GLY A 35 11.31 8.26 -14.21
C GLY A 35 12.68 8.74 -14.68
N ILE A 36 13.00 8.48 -15.94
CA ILE A 36 14.29 8.88 -16.48
C ILE A 36 14.54 10.40 -16.49
N THR A 37 13.48 11.21 -16.50
CA THR A 37 13.66 12.66 -16.52
C THR A 37 13.95 13.24 -15.14
N GLY A 38 13.77 12.43 -14.10
CA GLY A 38 14.01 12.90 -12.74
C GLY A 38 15.48 12.96 -12.36
N GLN A 39 15.75 13.43 -11.15
CA GLN A 39 17.12 13.52 -10.66
C GLN A 39 17.89 12.22 -10.83
N ASP A 40 17.35 11.16 -10.22
CA ASP A 40 18.01 9.87 -10.25
C ASP A 40 18.10 9.26 -11.64
N GLY A 41 17.02 9.36 -12.41
CA GLY A 41 17.05 8.81 -13.75
C GLY A 41 18.16 9.43 -14.59
N SER A 42 18.38 10.73 -14.42
CA SER A 42 19.42 11.40 -15.20
C SER A 42 20.81 10.86 -14.85
N TYR A 43 21.09 10.66 -13.56
CA TYR A 43 22.40 10.13 -13.17
C TYR A 43 22.53 8.64 -13.50
N LEU A 44 21.45 7.88 -13.34
CA LEU A 44 21.50 6.46 -13.65
C LEU A 44 21.76 6.24 -15.14
N THR A 45 21.14 7.09 -15.97
CA THR A 45 21.33 7.00 -17.41
C THR A 45 22.81 7.17 -17.74
N GLU A 46 23.43 8.21 -17.21
CA GLU A 46 24.86 8.43 -17.46
C GLU A 46 25.69 7.26 -16.97
N PHE A 47 25.37 6.76 -15.78
CA PHE A 47 26.10 5.63 -15.21
C PHE A 47 26.01 4.39 -16.09
N LEU A 48 24.80 4.03 -16.50
CA LEU A 48 24.61 2.84 -17.33
C LEU A 48 25.22 2.97 -18.73
N LEU A 49 25.12 4.16 -19.31
CA LEU A 49 25.71 4.38 -20.64
C LEU A 49 27.22 4.17 -20.52
N GLY A 50 27.79 4.63 -19.41
CA GLY A 50 29.22 4.47 -19.18
C GLY A 50 29.60 3.00 -19.05
N LYS A 51 28.63 2.17 -18.70
CA LYS A 51 28.83 0.73 -18.55
C LYS A 51 28.56 0.00 -19.86
N GLY A 52 28.26 0.75 -20.91
CA GLY A 52 28.02 0.14 -22.21
C GLY A 52 26.59 -0.30 -22.49
N TYR A 53 25.65 0.14 -21.65
CA TYR A 53 24.25 -0.23 -21.85
C TYR A 53 23.56 0.56 -22.96
N GLU A 54 22.47 -0.01 -23.43
CA GLU A 54 21.58 0.65 -24.38
C GLU A 54 20.50 1.03 -23.35
N VAL A 55 20.23 2.32 -23.23
CA VAL A 55 19.26 2.78 -22.23
C VAL A 55 17.97 3.35 -22.82
N HIS A 56 16.84 2.86 -22.34
CA HIS A 56 15.53 3.34 -22.77
C HIS A 56 14.85 3.96 -21.56
N GLY A 57 14.12 5.04 -21.79
CA GLY A 57 13.42 5.70 -20.69
C GLY A 57 11.99 5.98 -21.06
N LEU A 58 11.10 5.93 -20.07
CA LEU A 58 9.69 6.23 -20.31
C LEU A 58 9.49 7.65 -19.81
N ILE A 59 8.88 8.49 -20.64
CA ILE A 59 8.64 9.88 -20.27
C ILE A 59 7.17 10.25 -20.44
N ARG A 60 6.71 11.23 -19.67
CA ARG A 60 5.33 11.66 -19.80
C ARG A 60 5.22 12.76 -20.85
N ARG A 61 4.11 12.76 -21.59
CA ARG A 61 3.90 13.83 -22.55
C ARG A 61 3.68 15.06 -21.67
N SER A 62 4.26 16.18 -22.08
CA SER A 62 4.13 17.42 -21.32
C SER A 62 3.87 18.58 -22.28
N SER A 63 3.16 19.61 -21.83
CA SER A 63 2.89 20.75 -22.71
C SER A 63 4.14 21.61 -22.87
N ASN A 64 5.11 21.39 -21.99
CA ASN A 64 6.39 22.11 -22.00
C ASN A 64 7.54 21.10 -22.02
N PHE A 65 8.74 21.61 -22.28
CA PHE A 65 9.96 20.82 -22.29
C PHE A 65 10.06 20.13 -20.93
N ASN A 66 10.39 18.84 -20.91
CA ASN A 66 10.51 18.15 -19.63
C ASN A 66 11.75 17.26 -19.54
N THR A 67 12.66 17.43 -20.49
CA THR A 67 13.88 16.64 -20.50
C THR A 67 15.11 17.47 -20.14
N GLN A 68 14.91 18.51 -19.36
CA GLN A 68 16.00 19.38 -18.95
C GLN A 68 17.23 18.66 -18.39
N ARG A 69 17.02 17.62 -17.59
CA ARG A 69 18.14 16.90 -16.98
C ARG A 69 18.87 15.94 -17.90
N ILE A 70 18.25 15.55 -19.01
CA ILE A 70 18.89 14.59 -19.89
C ILE A 70 19.13 15.06 -21.31
N ASN A 71 18.79 16.30 -21.59
CA ASN A 71 18.99 16.85 -22.93
C ASN A 71 20.46 16.74 -23.37
N HIS A 72 21.39 16.97 -22.45
CA HIS A 72 22.82 16.90 -22.77
C HIS A 72 23.28 15.49 -23.15
N ILE A 73 22.56 14.49 -22.67
CA ILE A 73 22.89 13.11 -22.96
C ILE A 73 22.28 12.75 -24.32
N TYR A 74 21.01 13.10 -24.48
CA TYR A 74 20.24 12.85 -25.70
C TYR A 74 20.98 13.27 -26.97
N ALA A 83 21.80 6.71 -30.43
CA ALA A 83 21.17 5.40 -30.57
C ALA A 83 21.30 4.59 -29.29
N LEU A 84 21.99 5.15 -28.30
CA LEU A 84 22.19 4.46 -27.03
C LEU A 84 21.19 4.87 -25.97
N MET A 85 20.53 6.00 -26.17
CA MET A 85 19.50 6.47 -25.24
C MET A 85 18.25 6.78 -26.06
N LYS A 86 17.17 6.07 -25.78
CA LYS A 86 15.90 6.25 -26.48
C LYS A 86 14.80 6.57 -25.48
N LEU A 87 13.92 7.49 -25.83
CA LEU A 87 12.83 7.89 -24.94
C LEU A 87 11.50 7.48 -25.57
N HIS A 88 10.54 7.08 -24.74
CA HIS A 88 9.23 6.64 -25.23
C HIS A 88 8.13 7.17 -24.32
N TYR A 89 6.99 7.55 -24.90
CA TYR A 89 5.86 8.05 -24.11
C TYR A 89 5.13 6.96 -23.36
N ALA A 90 4.90 7.17 -22.06
CA ALA A 90 4.17 6.19 -21.26
C ALA A 90 3.78 6.87 -19.96
N ASP A 91 3.08 6.13 -19.11
CA ASP A 91 2.67 6.67 -17.82
C ASP A 91 2.41 5.51 -16.87
N LEU A 92 2.84 5.66 -15.63
CA LEU A 92 2.62 4.59 -14.65
C LEU A 92 1.14 4.37 -14.31
N THR A 93 0.26 5.24 -14.76
CA THR A 93 -1.17 5.05 -14.50
C THR A 93 -1.81 4.38 -15.71
N ASP A 94 -0.99 4.03 -16.70
CA ASP A 94 -1.46 3.41 -17.93
C ASP A 94 -0.72 2.09 -18.14
N ALA A 95 -1.30 0.99 -17.66
CA ALA A 95 -0.68 -0.32 -17.76
C ALA A 95 -0.35 -0.75 -19.18
N SER A 96 -1.24 -0.41 -20.11
CA SER A 96 -1.04 -0.75 -21.52
C SER A 96 0.28 -0.16 -22.04
N SER A 97 0.56 1.09 -21.68
CA SER A 97 1.77 1.76 -22.15
C SER A 97 3.04 1.09 -21.62
N LEU A 98 2.98 0.60 -20.39
CA LEU A 98 4.14 -0.05 -19.78
C LEU A 98 4.45 -1.39 -20.47
N ARG A 99 3.44 -2.22 -20.65
CA ARG A 99 3.63 -3.52 -21.30
C ARG A 99 4.07 -3.36 -22.75
N ARG A 100 3.49 -2.37 -23.45
CA ARG A 100 3.83 -2.12 -24.84
C ARG A 100 5.32 -1.90 -25.03
N TRP A 101 5.91 -1.04 -24.22
CA TRP A 101 7.34 -0.78 -24.35
C TRP A 101 8.22 -1.91 -23.84
N ILE A 102 7.77 -2.64 -22.83
CA ILE A 102 8.55 -3.76 -22.33
C ILE A 102 8.64 -4.80 -23.44
N ASP A 103 7.53 -5.01 -24.14
CA ASP A 103 7.49 -5.98 -25.23
C ASP A 103 8.41 -5.57 -26.38
N VAL A 104 8.39 -4.28 -26.73
CA VAL A 104 9.21 -3.76 -27.83
C VAL A 104 10.69 -3.72 -27.49
N ILE A 105 11.00 -3.23 -26.30
CA ILE A 105 12.38 -3.10 -25.84
C ILE A 105 13.05 -4.39 -25.39
N LYS A 106 12.30 -5.28 -24.75
CA LYS A 106 12.85 -6.54 -24.24
C LYS A 106 14.06 -6.23 -23.36
N PRO A 107 13.85 -5.41 -22.31
CA PRO A 107 14.93 -5.03 -21.39
C PRO A 107 15.48 -6.17 -20.55
N ASP A 108 16.74 -6.04 -20.15
CA ASP A 108 17.39 -7.03 -19.30
C ASP A 108 17.22 -6.58 -17.86
N GLU A 109 17.18 -5.27 -17.67
CA GLU A 109 17.02 -4.68 -16.35
C GLU A 109 15.99 -3.56 -16.40
N VAL A 110 15.14 -3.50 -15.38
CA VAL A 110 14.10 -2.48 -15.30
C VAL A 110 14.28 -1.75 -13.98
N TYR A 111 14.34 -0.42 -14.03
CA TYR A 111 14.51 0.40 -12.84
C TYR A 111 13.29 1.28 -12.70
N ASN A 112 12.48 1.02 -11.68
CA ASN A 112 11.28 1.82 -11.48
C ASN A 112 11.56 3.01 -10.59
N LEU A 113 11.93 4.13 -11.21
CA LEU A 113 12.22 5.35 -10.46
C LEU A 113 11.06 6.35 -10.54
N ALA A 114 10.07 6.07 -11.40
CA ALA A 114 8.94 6.99 -11.57
C ALA A 114 8.11 7.17 -10.32
N ALA A 115 7.79 8.41 -9.99
CA ALA A 115 6.97 8.72 -8.82
C ALA A 115 6.65 10.20 -8.68
N GLN A 116 5.53 10.47 -7.99
CA GLN A 116 5.17 11.83 -7.60
C GLN A 116 5.97 11.72 -6.31
N SER A 117 7.20 12.23 -6.34
CA SER A 117 8.14 12.06 -5.21
C SER A 117 8.17 13.07 -4.08
N HIS A 118 7.28 14.05 -4.08
CA HIS A 118 7.32 15.06 -3.03
C HIS A 118 6.33 14.74 -1.93
N VAL A 119 6.85 14.72 -0.70
CA VAL A 119 6.04 14.42 0.48
C VAL A 119 4.94 15.44 0.75
N ALA A 120 5.30 16.72 0.74
CA ALA A 120 4.30 17.76 1.00
C ALA A 120 3.19 17.71 -0.03
N VAL A 121 3.58 17.61 -1.30
CA VAL A 121 2.62 17.55 -2.38
C VAL A 121 1.66 16.36 -2.23
N SER A 122 2.17 15.24 -1.70
CA SER A 122 1.33 14.05 -1.54
C SER A 122 0.11 14.28 -0.66
N PHE A 123 0.19 15.23 0.28
CA PHE A 123 -0.97 15.49 1.13
C PHE A 123 -2.06 16.19 0.32
N GLU A 124 -1.66 16.90 -0.73
CA GLU A 124 -2.58 17.62 -1.59
C GLU A 124 -3.25 16.74 -2.63
N ILE A 125 -2.49 15.80 -3.19
CA ILE A 125 -3.01 14.88 -4.19
C ILE A 125 -2.71 13.44 -3.79
N PRO A 126 -3.30 12.99 -2.68
CA PRO A 126 -3.07 11.63 -2.21
C PRO A 126 -3.51 10.54 -3.17
N ASP A 127 -4.68 10.70 -3.78
CA ASP A 127 -5.19 9.67 -4.71
C ASP A 127 -4.28 9.51 -5.91
N TYR A 128 -3.90 10.60 -6.55
CA TYR A 128 -2.99 10.51 -7.71
C TYR A 128 -1.65 9.92 -7.27
N THR A 129 -1.12 10.42 -6.15
CA THR A 129 0.17 9.92 -5.66
C THR A 129 0.11 8.41 -5.46
N ALA A 130 -0.97 7.92 -4.86
CA ALA A 130 -1.08 6.48 -4.61
C ALA A 130 -1.15 5.69 -5.92
N ASP A 131 -1.89 6.21 -6.89
CA ASP A 131 -2.04 5.51 -8.17
C ASP A 131 -0.71 5.36 -8.90
N VAL A 132 0.17 6.34 -8.74
CA VAL A 132 1.48 6.29 -9.38
C VAL A 132 2.53 5.54 -8.58
N VAL A 133 2.64 5.89 -7.31
CA VAL A 133 3.65 5.33 -6.41
C VAL A 133 3.38 3.91 -5.91
N ALA A 134 2.12 3.61 -5.63
CA ALA A 134 1.78 2.29 -5.14
C ALA A 134 1.29 1.39 -6.27
N THR A 135 0.12 1.69 -6.82
CA THR A 135 -0.41 0.84 -7.88
C THR A 135 0.45 0.86 -9.14
N GLY A 136 1.05 2.01 -9.46
CA GLY A 136 1.88 2.11 -10.64
C GLY A 136 3.03 1.12 -10.58
N ALA A 137 3.61 0.96 -9.40
CA ALA A 137 4.71 0.02 -9.22
C ALA A 137 4.20 -1.39 -9.49
N LEU A 138 3.02 -1.71 -8.97
CA LEU A 138 2.42 -3.03 -9.18
C LEU A 138 2.12 -3.25 -10.67
N ARG A 139 1.68 -2.21 -11.37
CA ARG A 139 1.40 -2.34 -12.80
C ARG A 139 2.69 -2.73 -13.54
N LEU A 140 3.80 -2.08 -13.17
CA LEU A 140 5.07 -2.38 -13.83
C LEU A 140 5.53 -3.80 -13.48
N LEU A 141 5.40 -4.18 -12.21
CA LEU A 141 5.76 -5.52 -11.79
C LEU A 141 4.95 -6.56 -12.56
N GLU A 142 3.65 -6.33 -12.67
CA GLU A 142 2.76 -7.25 -13.38
C GLU A 142 3.05 -7.29 -14.89
N ALA A 143 3.42 -6.15 -15.46
CA ALA A 143 3.74 -6.10 -16.89
C ALA A 143 5.02 -6.89 -17.13
N VAL A 144 5.99 -6.74 -16.24
CA VAL A 144 7.26 -7.47 -16.36
C VAL A 144 7.00 -8.96 -16.20
N ARG A 145 6.22 -9.32 -15.18
CA ARG A 145 5.90 -10.72 -14.96
C ARG A 145 5.17 -11.32 -16.17
N SER A 146 4.20 -10.58 -16.70
CA SER A 146 3.43 -11.05 -17.85
C SER A 146 4.34 -11.24 -19.06
N HIS A 147 5.26 -10.29 -19.25
CA HIS A 147 6.21 -10.33 -20.35
C HIS A 147 7.10 -11.57 -20.25
N THR A 148 7.65 -11.82 -19.07
CA THR A 148 8.53 -12.98 -18.91
C THR A 148 7.82 -14.31 -19.14
N ILE A 149 6.54 -14.39 -18.77
CA ILE A 149 5.76 -15.61 -18.96
C ILE A 149 5.48 -15.85 -20.44
N ASP A 150 5.01 -14.79 -21.11
CA ASP A 150 4.66 -14.87 -22.52
C ASP A 150 5.86 -15.04 -23.46
N SER A 151 7.00 -14.45 -23.08
CA SER A 151 8.20 -14.52 -23.92
C SER A 151 9.27 -15.51 -23.44
N GLY A 152 9.20 -15.90 -22.17
CA GLY A 152 10.19 -16.81 -21.63
C GLY A 152 11.49 -16.12 -21.27
N ARG A 153 11.51 -14.80 -21.41
CA ARG A 153 12.70 -14.01 -21.10
C ARG A 153 12.91 -13.80 -19.60
N THR A 154 14.12 -13.36 -19.24
CA THR A 154 14.47 -13.10 -17.85
C THR A 154 14.72 -11.61 -17.70
N VAL A 155 14.13 -11.00 -16.66
CA VAL A 155 14.30 -9.58 -16.43
C VAL A 155 14.63 -9.33 -14.96
N LYS A 156 15.59 -8.45 -14.69
CA LYS A 156 15.96 -8.11 -13.32
C LYS A 156 15.24 -6.78 -13.03
N TYR A 157 14.78 -6.62 -11.80
CA TYR A 157 13.96 -5.45 -11.45
C TYR A 157 14.38 -4.69 -10.20
N TYR A 158 14.37 -3.35 -10.30
CA TYR A 158 14.71 -2.51 -9.16
C TYR A 158 13.55 -1.56 -8.81
N GLN A 159 13.17 -1.54 -7.53
CA GLN A 159 12.10 -0.66 -7.04
C GLN A 159 12.76 0.44 -6.21
N ALA A 160 12.43 1.69 -6.51
CA ALA A 160 12.99 2.82 -5.79
C ALA A 160 12.32 3.07 -4.44
N GLY A 161 12.76 2.32 -3.44
CA GLY A 161 12.22 2.47 -2.10
C GLY A 161 12.78 3.73 -1.45
N SER A 162 12.19 4.12 -0.33
CA SER A 162 12.59 5.34 0.35
C SER A 162 12.61 5.23 1.88
N SER A 163 13.54 5.94 2.50
CA SER A 163 13.63 5.97 3.96
C SER A 163 12.35 6.60 4.53
N GLU A 164 11.59 7.28 3.68
CA GLU A 164 10.34 7.89 4.11
C GLU A 164 9.40 6.80 4.64
N MET A 165 9.64 5.56 4.20
CA MET A 165 8.79 4.46 4.64
C MET A 165 8.88 4.24 6.14
N PHE A 166 10.05 4.53 6.73
CA PHE A 166 10.23 4.36 8.16
C PHE A 166 9.40 5.35 8.96
N GLY A 167 9.18 6.52 8.39
CA GLY A 167 8.40 7.56 9.03
C GLY A 167 8.88 7.95 10.42
N SER A 168 8.00 7.80 11.40
CA SER A 168 8.32 8.16 12.78
C SER A 168 9.08 7.10 13.58
N THR A 169 9.39 5.95 12.96
CA THR A 169 10.15 4.94 13.67
C THR A 169 11.53 5.54 13.90
N PRO A 170 12.00 5.54 15.16
CA PRO A 170 13.31 6.12 15.47
C PRO A 170 14.53 5.50 14.82
N PRO A 171 15.58 6.31 14.59
CA PRO A 171 16.84 5.88 13.98
C PRO A 171 17.75 5.19 14.98
N PRO A 172 18.77 4.47 14.49
CA PRO A 172 19.08 4.27 13.06
C PRO A 172 18.15 3.24 12.43
N GLN A 173 17.76 3.48 11.18
CA GLN A 173 16.87 2.57 10.49
C GLN A 173 17.62 1.66 9.52
N SER A 174 17.39 0.35 9.64
CA SER A 174 18.02 -0.64 8.77
C SER A 174 16.93 -1.34 7.95
N GLU A 175 17.31 -2.35 7.18
CA GLU A 175 16.33 -3.05 6.33
C GLU A 175 15.09 -3.59 7.01
N THR A 176 15.23 -4.02 8.25
CA THR A 176 14.10 -4.62 8.95
C THR A 176 13.37 -3.69 9.92
N THR A 177 13.83 -2.46 10.02
CA THR A 177 13.18 -1.50 10.92
C THR A 177 11.72 -1.34 10.51
N PRO A 178 10.79 -1.38 11.48
CA PRO A 178 9.35 -1.24 11.18
C PRO A 178 8.99 0.06 10.48
N PHE A 179 8.05 -0.02 9.56
CA PHE A 179 7.58 1.17 8.84
C PHE A 179 6.45 1.82 9.61
N HIS A 180 6.47 3.15 9.71
CA HIS A 180 5.37 3.89 10.31
C HIS A 180 5.27 5.15 9.46
N PRO A 181 4.79 4.99 8.21
CA PRO A 181 4.66 6.11 7.28
C PRO A 181 3.86 7.29 7.81
N ARG A 182 4.32 8.49 7.48
CA ARG A 182 3.69 9.72 7.94
C ARG A 182 3.10 10.61 6.85
N SER A 183 2.95 10.04 5.65
CA SER A 183 2.36 10.78 4.53
C SER A 183 1.79 9.81 3.50
N PRO A 184 0.91 10.32 2.61
CA PRO A 184 0.33 9.44 1.58
C PRO A 184 1.47 8.88 0.73
N TYR A 185 2.46 9.72 0.42
CA TYR A 185 3.60 9.28 -0.37
C TYR A 185 4.33 8.13 0.33
N ALA A 186 4.59 8.31 1.61
CA ALA A 186 5.31 7.29 2.37
C ALA A 186 4.55 5.97 2.42
N ALA A 187 3.24 6.05 2.66
CA ALA A 187 2.41 4.86 2.74
C ALA A 187 2.39 4.15 1.39
N SER A 188 2.36 4.93 0.32
CA SER A 188 2.33 4.36 -1.03
C SER A 188 3.67 3.68 -1.33
N LYS A 189 4.77 4.24 -0.85
CA LYS A 189 6.07 3.59 -1.09
C LYS A 189 6.10 2.27 -0.31
N CYS A 190 5.52 2.26 0.88
CA CYS A 190 5.47 1.03 1.68
C CYS A 190 4.72 -0.02 0.88
N ALA A 191 3.63 0.40 0.25
CA ALA A 191 2.84 -0.52 -0.57
C ALA A 191 3.70 -1.08 -1.71
N ALA A 192 4.38 -0.21 -2.44
CA ALA A 192 5.23 -0.62 -3.56
C ALA A 192 6.32 -1.59 -3.07
N HIS A 193 6.84 -1.31 -1.88
CA HIS A 193 7.88 -2.16 -1.30
C HIS A 193 7.35 -3.58 -1.14
N TRP A 194 6.19 -3.70 -0.51
CA TRP A 194 5.61 -5.01 -0.28
C TRP A 194 5.13 -5.71 -1.56
N TYR A 195 4.66 -4.95 -2.55
CA TYR A 195 4.24 -5.58 -3.81
C TYR A 195 5.50 -6.19 -4.45
N THR A 196 6.62 -5.47 -4.34
CA THR A 196 7.88 -5.92 -4.91
C THR A 196 8.42 -7.15 -4.18
N VAL A 197 8.40 -7.12 -2.86
CA VAL A 197 8.85 -8.27 -2.08
C VAL A 197 7.98 -9.48 -2.43
N ASN A 198 6.68 -9.25 -2.55
CA ASN A 198 5.75 -10.33 -2.87
C ASN A 198 6.03 -10.95 -4.24
N TYR A 199 6.34 -10.14 -5.25
CA TYR A 199 6.61 -10.73 -6.56
C TYR A 199 7.88 -11.57 -6.54
N ARG A 200 8.83 -11.17 -5.70
CA ARG A 200 10.07 -11.93 -5.55
C ARG A 200 9.77 -13.26 -4.84
N GLU A 201 9.04 -13.19 -3.73
CA GLU A 201 8.72 -14.39 -2.96
C GLU A 201 7.74 -15.35 -3.63
N ALA A 202 6.72 -14.80 -4.29
CA ALA A 202 5.71 -15.62 -4.92
C ALA A 202 6.08 -16.16 -6.30
N TYR A 203 6.79 -15.36 -7.08
CA TYR A 203 7.13 -15.75 -8.44
C TYR A 203 8.60 -15.96 -8.73
N GLY A 204 9.46 -15.66 -7.76
CA GLY A 204 10.88 -15.81 -7.98
C GLY A 204 11.45 -14.73 -8.87
N LEU A 205 10.72 -13.63 -9.01
CA LEU A 205 11.21 -12.52 -9.85
C LEU A 205 12.46 -11.95 -9.19
N PHE A 206 13.48 -11.64 -9.98
CA PHE A 206 14.70 -11.06 -9.42
C PHE A 206 14.32 -9.59 -9.24
N ALA A 207 13.73 -9.28 -8.10
CA ALA A 207 13.29 -7.92 -7.79
C ALA A 207 13.92 -7.46 -6.49
N CYS A 208 14.58 -6.31 -6.54
CA CYS A 208 15.25 -5.73 -5.39
C CYS A 208 14.64 -4.40 -5.00
N ASN A 209 14.56 -4.16 -3.69
CA ASN A 209 14.07 -2.88 -3.19
C ASN A 209 15.25 -2.10 -2.66
N GLY A 210 15.52 -0.96 -3.27
CA GLY A 210 16.58 -0.11 -2.77
C GLY A 210 15.91 0.81 -1.77
N ILE A 211 16.31 0.73 -0.50
CA ILE A 211 15.71 1.59 0.51
C ILE A 211 16.70 2.74 0.65
N LEU A 212 16.59 3.71 -0.26
CA LEU A 212 17.50 4.84 -0.26
C LEU A 212 17.06 5.99 0.63
N PHE A 213 18.02 6.53 1.38
CA PHE A 213 17.75 7.67 2.22
C PHE A 213 17.92 8.89 1.33
N ASN A 214 17.50 10.06 1.81
CA ASN A 214 17.56 11.28 1.02
C ASN A 214 18.87 11.46 0.24
N HIS A 215 18.76 11.74 -1.05
CA HIS A 215 19.95 12.01 -1.85
C HIS A 215 19.65 13.21 -2.74
N GLU A 216 20.60 14.14 -2.74
CA GLU A 216 20.49 15.39 -3.44
C GLU A 216 21.59 15.56 -4.48
N SER A 217 21.56 16.69 -5.17
CA SER A 217 22.54 17.00 -6.22
C SER A 217 22.17 18.34 -6.83
N PRO A 218 23.00 18.83 -7.76
CA PRO A 218 22.68 20.12 -8.39
C PRO A 218 21.43 19.97 -9.29
N ARG A 219 20.95 18.74 -9.46
CA ARG A 219 19.77 18.47 -10.29
C ARG A 219 18.52 18.19 -9.46
N ARG A 220 18.66 18.26 -8.13
CA ARG A 220 17.55 18.01 -7.22
C ARG A 220 16.40 18.99 -7.50
N GLY A 221 15.17 18.54 -7.37
CA GLY A 221 14.03 19.42 -7.60
C GLY A 221 14.12 20.62 -6.66
N GLU A 222 13.78 21.80 -7.16
CA GLU A 222 13.87 23.01 -6.35
C GLU A 222 12.86 23.11 -5.21
N ASN A 223 11.89 22.19 -5.17
CA ASN A 223 10.88 22.19 -4.13
C ASN A 223 11.33 21.37 -2.91
N PHE A 224 12.46 20.68 -3.03
CA PHE A 224 13.00 19.91 -1.89
C PHE A 224 13.84 20.88 -1.08
N VAL A 225 13.91 20.68 0.23
CA VAL A 225 14.60 21.65 1.09
C VAL A 225 16.05 22.00 0.79
N THR A 226 16.87 21.01 0.43
CA THR A 226 18.27 21.27 0.16
C THR A 226 18.44 22.19 -1.05
N ARG A 227 17.82 21.84 -2.16
CA ARG A 227 17.92 22.62 -3.39
C ARG A 227 17.24 23.98 -3.20
N LYS A 228 16.13 23.99 -2.46
CA LYS A 228 15.43 25.25 -2.21
C LYS A 228 16.39 26.21 -1.52
N ILE A 229 17.16 25.68 -0.57
CA ILE A 229 18.13 26.50 0.16
C ILE A 229 19.30 26.97 -0.71
N THR A 230 19.94 26.06 -1.43
CA THR A 230 21.07 26.47 -2.25
C THR A 230 20.69 27.38 -3.40
N ARG A 231 19.49 27.20 -3.97
CA ARG A 231 19.04 28.05 -5.07
C ARG A 231 18.84 29.45 -4.52
N ALA A 232 18.17 29.55 -3.39
CA ALA A 232 17.91 30.86 -2.76
C ALA A 232 19.22 31.52 -2.34
N LEU A 233 20.13 30.74 -1.77
CA LEU A 233 21.41 31.27 -1.32
C LEU A 233 22.15 31.92 -2.48
N GLY A 234 22.18 31.22 -3.61
CA GLY A 234 22.87 31.77 -4.77
C GLY A 234 22.28 33.10 -5.17
N ARG A 235 20.95 33.17 -5.22
CA ARG A 235 20.25 34.40 -5.60
C ARG A 235 20.46 35.50 -4.57
N ILE A 236 20.51 35.12 -3.29
CA ILE A 236 20.73 36.11 -2.23
C ILE A 236 22.14 36.68 -2.36
N LYS A 237 23.10 35.80 -2.64
CA LYS A 237 24.49 36.20 -2.77
C LYS A 237 24.71 37.24 -3.88
N VAL A 238 23.98 37.10 -4.98
CA VAL A 238 24.12 38.04 -6.10
C VAL A 238 23.15 39.21 -6.06
N GLY A 239 22.27 39.24 -5.07
CA GLY A 239 21.32 40.34 -4.94
C GLY A 239 19.98 40.20 -5.64
N LEU A 240 19.64 39.00 -6.09
CA LEU A 240 18.36 38.77 -6.77
C LEU A 240 17.25 38.37 -5.82
N GLN A 241 17.61 38.03 -4.59
CA GLN A 241 16.64 37.61 -3.57
C GLN A 241 17.13 38.12 -2.22
N THR A 242 16.20 38.38 -1.30
CA THR A 242 16.58 38.90 0.00
C THR A 242 16.07 38.06 1.16
N LYS A 243 15.06 37.24 0.90
CA LYS A 243 14.48 36.42 1.94
C LYS A 243 14.31 34.96 1.52
N LEU A 244 14.40 34.06 2.48
CA LEU A 244 14.24 32.63 2.26
C LEU A 244 13.24 32.12 3.30
N PHE A 245 12.09 31.65 2.82
CA PHE A 245 11.04 31.16 3.70
C PHE A 245 11.08 29.64 3.82
N LEU A 246 11.17 29.16 5.06
CA LEU A 246 11.23 27.73 5.33
C LEU A 246 10.27 27.32 6.43
N GLY A 247 10.21 26.02 6.68
CA GLY A 247 9.32 25.49 7.71
C GLY A 247 10.06 25.00 8.93
N ASN A 248 10.06 23.68 9.13
CA ASN A 248 10.70 23.04 10.27
C ASN A 248 12.19 22.86 10.08
N LEU A 249 12.98 23.67 10.80
CA LEU A 249 14.44 23.61 10.67
C LEU A 249 15.07 22.52 11.53
N GLN A 250 14.28 21.90 12.41
CA GLN A 250 14.83 20.89 13.29
C GLN A 250 14.71 19.45 12.77
N ALA A 251 14.11 19.28 11.60
CA ALA A 251 14.01 17.95 11.02
C ALA A 251 15.43 17.50 10.69
N SER A 252 15.75 16.24 10.97
CA SER A 252 17.09 15.72 10.71
C SER A 252 17.06 14.65 9.62
N ARG A 253 17.98 14.75 8.68
CA ARG A 253 18.05 13.81 7.58
C ARG A 253 19.46 13.32 7.30
N ASP A 254 19.50 12.17 6.63
CA ASP A 254 20.72 11.50 6.19
C ASP A 254 20.74 11.92 4.71
N TRP A 255 21.66 12.79 4.34
CA TRP A 255 21.75 13.30 2.97
C TRP A 255 23.00 12.84 2.21
N GLY A 256 22.79 12.17 1.08
CA GLY A 256 23.90 11.69 0.27
C GLY A 256 23.82 12.27 -1.15
N PHE A 257 24.80 11.94 -1.99
CA PHE A 257 24.83 12.44 -3.36
C PHE A 257 24.15 11.46 -4.33
N ALA A 258 23.20 11.96 -5.12
CA ALA A 258 22.48 11.11 -6.07
C ALA A 258 23.42 10.33 -6.99
N GLY A 259 24.49 10.98 -7.45
CA GLY A 259 25.42 10.29 -8.33
C GLY A 259 26.01 9.02 -7.72
N ASP A 260 26.26 9.05 -6.41
CA ASP A 260 26.80 7.89 -5.70
C ASP A 260 25.76 6.80 -5.55
N TYR A 261 24.53 7.21 -5.24
CA TYR A 261 23.45 6.27 -5.00
C TYR A 261 22.97 5.44 -6.17
N VAL A 262 22.97 6.00 -7.37
CA VAL A 262 22.52 5.23 -8.52
C VAL A 262 23.43 4.03 -8.76
N GLU A 263 24.70 4.15 -8.35
CA GLU A 263 25.64 3.03 -8.51
C GLU A 263 25.15 1.86 -7.67
N ALA A 264 24.61 2.15 -6.49
CA ALA A 264 24.10 1.11 -5.61
C ALA A 264 22.93 0.38 -6.25
N MET A 265 22.08 1.12 -6.97
CA MET A 265 20.93 0.51 -7.64
C MET A 265 21.43 -0.57 -8.60
N TRP A 266 22.39 -0.19 -9.42
CA TRP A 266 22.96 -1.11 -10.40
C TRP A 266 23.61 -2.32 -9.71
N LEU A 267 24.38 -2.05 -8.66
CA LEU A 267 25.06 -3.12 -7.91
C LEU A 267 24.10 -4.18 -7.38
N MET A 268 22.94 -3.77 -6.89
CA MET A 268 21.97 -4.73 -6.37
C MET A 268 21.54 -5.74 -7.44
N LEU A 269 21.38 -5.26 -8.67
CA LEU A 269 20.95 -6.15 -9.76
C LEU A 269 22.06 -7.03 -10.30
N GLN A 270 23.28 -6.82 -9.84
CA GLN A 270 24.42 -7.62 -10.31
C GLN A 270 24.75 -8.78 -9.37
N GLN A 271 24.02 -8.87 -8.25
CA GLN A 271 24.25 -9.94 -7.28
C GLN A 271 23.64 -11.26 -7.74
N GLU A 272 24.07 -12.36 -7.12
CA GLU A 272 23.56 -13.67 -7.49
C GLU A 272 22.07 -13.80 -7.17
N LYS A 273 21.66 -13.24 -6.04
CA LYS A 273 20.27 -13.32 -5.61
C LYS A 273 19.70 -11.93 -5.32
N PRO A 274 18.37 -11.76 -5.50
CA PRO A 274 17.74 -10.47 -5.24
C PRO A 274 17.54 -10.26 -3.73
N ASP A 275 17.57 -9.01 -3.29
CA ASP A 275 17.40 -8.71 -1.87
C ASP A 275 17.10 -7.21 -1.74
N ASP A 276 16.89 -6.75 -0.52
CA ASP A 276 16.60 -5.34 -0.26
C ASP A 276 17.78 -4.74 0.51
N TYR A 277 18.12 -3.50 0.18
CA TYR A 277 19.25 -2.85 0.82
C TYR A 277 19.08 -1.38 1.14
N VAL A 278 19.49 -1.00 2.34
CA VAL A 278 19.46 0.40 2.72
C VAL A 278 20.72 1.04 2.12
N VAL A 279 20.55 2.21 1.52
CA VAL A 279 21.66 2.95 0.94
C VAL A 279 21.59 4.31 1.61
N ALA A 280 22.63 4.67 2.35
CA ALA A 280 22.66 5.91 3.10
C ALA A 280 24.08 6.25 3.53
N THR A 281 24.26 7.44 4.11
CA THR A 281 25.58 7.87 4.57
C THR A 281 25.79 7.54 6.05
N GLU A 282 24.68 7.24 6.75
CA GLU A 282 24.71 6.90 8.17
C GLU A 282 25.00 8.11 9.05
N GLU A 283 24.91 9.30 8.48
CA GLU A 283 25.16 10.53 9.24
C GLU A 283 23.95 11.43 9.07
N GLY A 284 23.40 11.91 10.19
CA GLY A 284 22.25 12.77 10.12
C GLY A 284 22.57 14.21 10.46
N HIS A 285 21.83 15.13 9.84
CA HIS A 285 22.02 16.56 10.06
C HIS A 285 20.67 17.24 9.96
N THR A 286 20.51 18.33 10.71
CA THR A 286 19.25 19.06 10.67
C THR A 286 19.27 20.06 9.51
N VAL A 287 18.09 20.56 9.17
CA VAL A 287 17.95 21.55 8.12
C VAL A 287 18.74 22.79 8.59
N GLU A 288 18.72 23.04 9.89
CA GLU A 288 19.46 24.18 10.41
C GLU A 288 20.96 24.02 10.15
N GLU A 289 21.47 22.81 10.31
CA GLU A 289 22.89 22.57 10.04
C GLU A 289 23.19 22.79 8.56
N PHE A 290 22.27 22.37 7.69
CA PHE A 290 22.45 22.56 6.24
C PHE A 290 22.58 24.06 5.98
N LEU A 291 21.76 24.86 6.65
CA LEU A 291 21.79 26.31 6.50
C LEU A 291 23.13 26.87 6.99
N ASP A 292 23.60 26.35 8.13
CA ASP A 292 24.86 26.79 8.71
C ASP A 292 26.01 26.58 7.73
N VAL A 293 26.12 25.37 7.20
CA VAL A 293 27.18 25.04 6.26
C VAL A 293 27.08 25.81 4.95
N SER A 294 25.89 25.82 4.34
CA SER A 294 25.70 26.51 3.08
C SER A 294 25.94 28.02 3.13
N PHE A 295 25.19 28.74 3.97
CA PHE A 295 25.38 30.19 4.06
C PHE A 295 26.76 30.55 4.59
N GLY A 296 27.25 29.79 5.57
CA GLY A 296 28.56 30.06 6.14
C GLY A 296 29.65 29.95 5.11
N TYR A 297 29.48 28.98 4.21
CA TYR A 297 30.42 28.74 3.14
C TYR A 297 30.65 30.00 2.30
N LEU A 298 29.60 30.79 2.09
CA LEU A 298 29.69 32.02 1.29
C LEU A 298 29.83 33.25 2.16
N GLY A 299 30.20 33.04 3.42
CA GLY A 299 30.39 34.14 4.35
C GLY A 299 29.14 34.88 4.78
N LEU A 300 28.00 34.22 4.76
CA LEU A 300 26.75 34.86 5.16
C LEU A 300 26.17 34.21 6.41
N ASN A 301 25.31 34.95 7.10
CA ASN A 301 24.64 34.45 8.30
C ASN A 301 23.21 34.16 7.87
N TRP A 302 22.84 32.89 7.78
CA TRP A 302 21.49 32.54 7.34
C TRP A 302 20.38 33.19 8.14
N LYS A 303 20.65 33.52 9.41
CA LYS A 303 19.63 34.14 10.23
C LYS A 303 19.24 35.52 9.74
N ASP A 304 20.08 36.14 8.90
CA ASP A 304 19.78 37.45 8.37
C ASP A 304 18.77 37.34 7.23
N TYR A 305 18.56 36.14 6.71
CA TYR A 305 17.66 35.95 5.57
C TYR A 305 16.50 34.99 5.73
N VAL A 306 16.63 34.03 6.64
CA VAL A 306 15.58 33.04 6.82
C VAL A 306 14.42 33.48 7.71
N GLU A 307 13.22 33.18 7.24
CA GLU A 307 12.00 33.47 7.99
C GLU A 307 11.17 32.20 7.95
N ILE A 308 10.46 31.92 9.03
CA ILE A 308 9.64 30.72 9.11
C ILE A 308 8.21 30.94 8.67
N ASP A 309 7.78 30.16 7.69
CA ASP A 309 6.41 30.24 7.19
C ASP A 309 5.73 28.93 7.54
N GLN A 310 4.75 29.00 8.43
CA GLN A 310 4.04 27.80 8.88
C GLN A 310 3.40 26.99 7.76
N ARG A 311 3.23 27.60 6.60
CA ARG A 311 2.62 26.87 5.50
C ARG A 311 3.53 25.76 4.98
N TYR A 312 4.81 25.81 5.35
CA TYR A 312 5.75 24.78 4.90
C TYR A 312 5.85 23.60 5.86
N PHE A 313 5.09 23.65 6.96
CA PHE A 313 5.08 22.55 7.93
C PHE A 313 4.22 21.46 7.29
N ARG A 314 4.49 20.19 7.60
CA ARG A 314 3.67 19.10 7.07
C ARG A 314 2.66 18.69 8.13
N PRO A 315 1.50 18.16 7.71
CA PRO A 315 0.44 17.72 8.63
C PRO A 315 0.97 16.69 9.65
N ALA A 316 1.90 15.84 9.20
CA ALA A 316 2.52 14.84 10.06
C ALA A 316 3.99 14.81 9.63
N GLU A 317 4.87 15.21 10.53
CA GLU A 317 6.30 15.30 10.23
C GLU A 317 7.10 14.02 10.51
N VAL A 318 8.23 13.91 9.80
CA VAL A 318 9.17 12.81 9.98
C VAL A 318 10.36 13.52 10.61
N ASP A 319 10.57 13.28 11.89
CA ASP A 319 11.60 13.97 12.66
C ASP A 319 13.06 13.62 12.46
N ASN A 320 13.37 12.34 12.28
CA ASN A 320 14.77 11.96 12.21
C ASN A 320 15.05 10.67 11.44
N LEU A 321 15.77 10.81 10.33
CA LEU A 321 16.13 9.65 9.52
C LEU A 321 17.65 9.55 9.47
N GLN A 322 18.16 8.36 9.79
CA GLN A 322 19.59 8.10 9.74
C GLN A 322 19.72 6.63 9.43
N GLY A 323 20.29 6.30 8.27
CA GLY A 323 20.40 4.91 7.90
C GLY A 323 21.57 4.10 8.40
N ASP A 324 21.37 2.79 8.38
CA ASP A 324 22.38 1.81 8.76
C ASP A 324 22.57 1.07 7.45
N ALA A 325 23.64 1.41 6.73
CA ALA A 325 23.90 0.80 5.44
C ALA A 325 24.97 -0.27 5.48
N SER A 326 25.05 -0.98 6.62
CA SER A 326 26.02 -2.05 6.81
C SER A 326 25.88 -3.16 5.78
N LYS A 327 24.64 -3.55 5.50
CA LYS A 327 24.39 -4.62 4.55
C LYS A 327 24.91 -4.25 3.15
N ALA A 328 24.62 -3.03 2.71
CA ALA A 328 25.07 -2.58 1.40
C ALA A 328 26.60 -2.61 1.32
N LYS A 329 27.25 -2.17 2.38
CA LYS A 329 28.72 -2.17 2.40
C LYS A 329 29.28 -3.58 2.32
N GLU A 330 28.73 -4.47 3.14
CA GLU A 330 29.20 -5.85 3.19
C GLU A 330 28.90 -6.68 1.94
N VAL A 331 27.66 -6.62 1.46
CA VAL A 331 27.25 -7.39 0.30
C VAL A 331 27.58 -6.76 -1.05
N LEU A 332 27.25 -5.49 -1.21
CA LEU A 332 27.47 -4.80 -2.47
C LEU A 332 28.84 -4.18 -2.61
N GLY A 333 29.49 -3.92 -1.48
CA GLY A 333 30.79 -3.29 -1.49
C GLY A 333 30.60 -1.81 -1.77
N TRP A 334 29.39 -1.33 -1.52
CA TRP A 334 29.07 0.07 -1.77
C TRP A 334 29.33 0.97 -0.56
N LYS A 335 29.88 2.15 -0.83
CA LYS A 335 30.14 3.13 0.21
C LYS A 335 30.00 4.50 -0.44
N PRO A 336 29.42 5.47 0.28
CA PRO A 336 29.27 6.81 -0.31
C PRO A 336 30.63 7.49 -0.47
N GLN A 337 30.78 8.27 -1.54
CA GLN A 337 32.03 8.96 -1.77
C GLN A 337 31.93 10.43 -1.40
N VAL A 338 30.75 11.00 -1.57
CA VAL A 338 30.52 12.40 -1.25
C VAL A 338 29.93 12.57 0.14
N GLY A 339 30.65 13.27 1.00
CA GLY A 339 30.19 13.51 2.36
C GLY A 339 29.22 14.68 2.47
N PHE A 340 28.67 14.88 3.66
CA PHE A 340 27.71 15.97 3.87
C PHE A 340 28.15 17.35 3.44
N GLU A 341 29.24 17.86 4.04
CA GLU A 341 29.69 19.19 3.67
C GLU A 341 30.10 19.29 2.21
N LYS A 342 30.66 18.21 1.66
CA LYS A 342 31.07 18.22 0.26
C LYS A 342 29.81 18.38 -0.61
N LEU A 343 28.77 17.65 -0.26
CA LEU A 343 27.52 17.72 -1.00
C LEU A 343 26.91 19.12 -0.91
N VAL A 344 26.84 19.66 0.29
CA VAL A 344 26.28 21.00 0.46
C VAL A 344 27.01 22.01 -0.40
N LYS A 345 28.33 21.98 -0.32
CA LYS A 345 29.15 22.91 -1.08
C LYS A 345 29.08 22.70 -2.60
N MET A 346 28.91 21.45 -3.04
CA MET A 346 28.78 21.15 -4.47
C MET A 346 27.52 21.85 -4.97
N MET A 347 26.44 21.71 -4.19
CA MET A 347 25.16 22.32 -4.54
C MET A 347 25.25 23.84 -4.49
N VAL A 348 25.90 24.39 -3.47
CA VAL A 348 26.03 25.84 -3.38
C VAL A 348 26.82 26.38 -4.58
N ASP A 349 27.95 25.74 -4.91
CA ASP A 349 28.76 26.21 -6.05
C ASP A 349 27.94 26.27 -7.34
N GLU A 350 27.21 25.20 -7.63
CA GLU A 350 26.42 25.12 -8.85
C GLU A 350 25.30 26.16 -8.89
N ASP A 351 24.60 26.32 -7.78
CA ASP A 351 23.50 27.29 -7.75
C ASP A 351 24.00 28.73 -7.69
N LEU A 352 25.25 28.93 -7.27
CA LEU A 352 25.78 30.27 -7.25
C LEU A 352 26.07 30.63 -8.71
N GLU A 353 26.58 29.66 -9.47
CA GLU A 353 26.87 29.91 -10.89
C GLU A 353 25.56 30.19 -11.62
N LEU A 354 24.51 29.44 -11.31
CA LEU A 354 23.23 29.68 -11.94
C LEU A 354 22.73 31.07 -11.62
N ALA A 355 22.88 31.48 -10.36
CA ALA A 355 22.43 32.80 -9.94
C ALA A 355 23.26 33.90 -10.63
N LYS A 356 24.54 33.63 -10.86
CA LYS A 356 25.40 34.61 -11.54
C LYS A 356 24.92 34.80 -12.97
N ARG A 357 24.47 33.72 -13.60
CA ARG A 357 23.97 33.80 -14.96
C ARG A 357 22.65 34.56 -15.00
N GLU A 358 21.80 34.32 -13.99
CA GLU A 358 20.52 35.01 -13.92
C GLU A 358 20.73 36.52 -13.73
N LYS A 359 21.73 36.89 -12.93
CA LYS A 359 22.03 38.29 -12.65
C LYS A 359 22.41 39.03 -13.93
N VAL A 360 23.09 38.34 -14.81
CA VAL A 360 23.49 38.96 -16.07
C VAL A 360 22.25 39.19 -16.92
N LEU A 361 21.45 38.15 -17.06
CA LEU A 361 20.22 38.25 -17.84
C LEU A 361 19.28 39.33 -17.30
N VAL A 362 18.93 39.28 -16.01
CA VAL A 362 18.03 40.27 -15.42
C VAL A 362 18.58 41.68 -15.66
N ASP A 363 19.92 41.78 -15.65
CA ASP A 363 20.63 43.04 -15.87
C ASP A 363 20.70 43.46 -17.34
N ALA A 364 21.07 42.52 -18.20
CA ALA A 364 21.18 42.79 -19.62
C ALA A 364 19.83 43.13 -20.25
N GLY A 365 18.80 43.20 -19.43
CA GLY A 365 17.47 43.54 -19.91
C GLY A 365 16.64 42.34 -20.33
N TYR A 366 17.13 41.14 -20.06
CA TYR A 366 16.41 39.93 -20.41
C TYR A 366 15.39 39.55 -19.33
N ARG B 28 -31.45 9.46 15.77
CA ARG B 28 -31.17 8.35 14.81
C ARG B 28 -29.83 8.59 14.13
N LYS B 29 -28.84 7.78 14.50
CA LYS B 29 -27.52 7.88 13.91
C LYS B 29 -27.56 7.30 12.50
N ILE B 30 -26.71 7.84 11.62
CA ILE B 30 -26.66 7.38 10.24
C ILE B 30 -25.33 6.72 9.95
N ALA B 31 -25.38 5.49 9.42
CA ALA B 31 -24.16 4.78 9.08
C ALA B 31 -24.11 4.56 7.58
N LEU B 32 -22.91 4.66 7.01
CA LEU B 32 -22.73 4.39 5.59
C LEU B 32 -21.79 3.20 5.54
N ILE B 33 -22.22 2.12 4.90
CA ILE B 33 -21.41 0.92 4.81
C ILE B 33 -21.01 0.63 3.36
N THR B 34 -19.70 0.56 3.09
CA THR B 34 -19.27 0.17 1.75
C THR B 34 -19.13 -1.34 1.90
N GLY B 35 -19.41 -2.09 0.84
CA GLY B 35 -19.32 -3.54 0.92
C GLY B 35 -20.49 -4.13 1.70
N ILE B 36 -21.63 -3.44 1.66
CA ILE B 36 -22.81 -3.91 2.38
C ILE B 36 -23.36 -5.26 1.89
N THR B 37 -23.10 -5.61 0.62
CA THR B 37 -23.60 -6.88 0.10
C THR B 37 -22.77 -8.09 0.53
N GLY B 38 -21.58 -7.85 1.07
CA GLY B 38 -20.72 -8.94 1.50
C GLY B 38 -21.12 -9.57 2.81
N GLN B 39 -20.38 -10.61 3.24
CA GLN B 39 -20.67 -11.29 4.49
C GLN B 39 -20.80 -10.34 5.67
N ASP B 40 -19.74 -9.59 5.93
CA ASP B 40 -19.72 -8.66 7.05
C ASP B 40 -20.75 -7.54 6.94
N GLY B 41 -20.90 -6.98 5.74
CA GLY B 41 -21.87 -5.91 5.56
C GLY B 41 -23.26 -6.36 5.94
N SER B 42 -23.62 -7.60 5.59
CA SER B 42 -24.95 -8.11 5.90
C SER B 42 -25.16 -8.21 7.41
N TYR B 43 -24.18 -8.72 8.14
CA TYR B 43 -24.31 -8.83 9.59
C TYR B 43 -24.23 -7.47 10.28
N LEU B 44 -23.37 -6.58 9.79
CA LEU B 44 -23.25 -5.27 10.39
C LEU B 44 -24.55 -4.49 10.22
N THR B 45 -25.17 -4.63 9.06
CA THR B 45 -26.44 -3.93 8.79
C THR B 45 -27.49 -4.36 9.82
N GLU B 46 -27.61 -5.66 10.05
CA GLU B 46 -28.60 -6.16 11.01
C GLU B 46 -28.28 -5.64 12.41
N PHE B 47 -26.99 -5.66 12.76
CA PHE B 47 -26.55 -5.19 14.07
C PHE B 47 -26.88 -3.71 14.29
N LEU B 48 -26.53 -2.87 13.32
CA LEU B 48 -26.80 -1.44 13.45
C LEU B 48 -28.28 -1.11 13.42
N LEU B 49 -29.06 -1.80 12.59
CA LEU B 49 -30.50 -1.55 12.55
C LEU B 49 -31.08 -1.87 13.93
N GLY B 50 -30.55 -2.91 14.56
CA GLY B 50 -31.01 -3.29 15.88
C GLY B 50 -30.68 -2.23 16.92
N LYS B 51 -29.69 -1.39 16.60
CA LYS B 51 -29.26 -0.32 17.48
C LYS B 51 -30.02 0.97 17.16
N GLY B 52 -30.94 0.90 16.21
CA GLY B 52 -31.73 2.07 15.86
C GLY B 52 -31.15 2.99 14.80
N TYR B 53 -30.12 2.54 14.11
CA TYR B 53 -29.48 3.33 13.07
C TYR B 53 -30.27 3.35 11.78
N GLU B 54 -29.97 4.36 10.97
CA GLU B 54 -30.52 4.50 9.63
C GLU B 54 -29.26 4.02 8.91
N VAL B 55 -29.38 2.93 8.14
CA VAL B 55 -28.21 2.39 7.44
C VAL B 55 -28.25 2.56 5.93
N HIS B 56 -27.16 3.08 5.37
CA HIS B 56 -27.03 3.26 3.93
C HIS B 56 -25.89 2.38 3.47
N GLY B 57 -26.03 1.78 2.29
CA GLY B 57 -24.97 0.94 1.79
C GLY B 57 -24.67 1.29 0.35
N LEU B 58 -23.41 1.13 -0.05
CA LEU B 58 -23.01 1.39 -1.43
C LEU B 58 -22.91 0.03 -2.10
N ILE B 59 -23.56 -0.13 -3.24
CA ILE B 59 -23.52 -1.40 -3.96
C ILE B 59 -23.05 -1.20 -5.38
N ARG B 60 -22.49 -2.25 -5.96
CA ARG B 60 -22.03 -2.16 -7.34
C ARG B 60 -23.18 -2.56 -8.26
N ARG B 61 -23.29 -1.90 -9.40
CA ARG B 61 -24.31 -2.30 -10.36
C ARG B 61 -23.85 -3.68 -10.83
N SER B 62 -24.79 -4.61 -10.99
CA SER B 62 -24.45 -5.97 -11.43
C SER B 62 -25.48 -6.43 -12.46
N SER B 63 -25.08 -7.29 -13.39
CA SER B 63 -26.03 -7.76 -14.40
C SER B 63 -27.00 -8.78 -13.78
N ASN B 64 -26.64 -9.31 -12.60
CA ASN B 64 -27.47 -10.26 -11.86
C ASN B 64 -27.73 -9.68 -10.48
N PHE B 65 -28.62 -10.27 -9.71
CA PHE B 65 -28.89 -9.77 -8.37
C PHE B 65 -27.61 -9.96 -7.54
N ASN B 66 -27.30 -9.01 -6.67
CA ASN B 66 -26.11 -9.13 -5.83
C ASN B 66 -26.44 -8.83 -4.37
N THR B 67 -27.73 -8.77 -4.05
CA THR B 67 -28.18 -8.47 -2.70
C THR B 67 -28.72 -9.70 -1.96
N GLN B 68 -28.26 -10.88 -2.34
CA GLN B 68 -28.72 -12.12 -1.72
C GLN B 68 -28.63 -12.14 -0.20
N ARG B 69 -27.55 -11.57 0.35
CA ARG B 69 -27.35 -11.58 1.80
C ARG B 69 -28.18 -10.56 2.58
N ILE B 70 -28.70 -9.54 1.91
CA ILE B 70 -29.45 -8.51 2.61
C ILE B 70 -30.88 -8.29 2.16
N ASN B 71 -31.32 -9.02 1.14
CA ASN B 71 -32.67 -8.84 0.65
C ASN B 71 -33.72 -9.04 1.74
N HIS B 72 -33.49 -10.00 2.62
CA HIS B 72 -34.43 -10.26 3.70
C HIS B 72 -34.56 -9.05 4.62
N ILE B 73 -33.53 -8.22 4.65
CA ILE B 73 -33.52 -7.01 5.48
C ILE B 73 -34.23 -5.90 4.72
N TYR B 74 -33.77 -5.66 3.50
CA TYR B 74 -34.33 -4.63 2.64
C TYR B 74 -35.84 -4.75 2.61
N ILE B 75 -36.33 -5.99 2.63
CA ILE B 75 -37.76 -6.28 2.60
C ILE B 75 -38.34 -6.28 4.01
N LYS B 82 -38.59 -0.32 5.54
CA LYS B 82 -39.04 0.72 4.63
C LYS B 82 -37.94 1.74 4.33
N ALA B 83 -37.70 2.64 5.28
CA ALA B 83 -36.70 3.70 5.12
C ALA B 83 -35.52 3.64 6.10
N LEU B 84 -35.22 2.45 6.62
CA LEU B 84 -34.10 2.33 7.55
C LEU B 84 -32.85 1.77 6.89
N MET B 85 -33.03 1.11 5.74
CA MET B 85 -31.89 0.57 4.98
C MET B 85 -32.05 1.04 3.55
N LYS B 86 -31.09 1.83 3.08
CA LYS B 86 -31.15 2.35 1.72
C LYS B 86 -29.86 1.94 1.01
N LEU B 87 -29.99 1.59 -0.26
CA LEU B 87 -28.83 1.19 -1.07
C LEU B 87 -28.61 2.20 -2.18
N HIS B 88 -27.35 2.44 -2.54
CA HIS B 88 -26.99 3.42 -3.56
C HIS B 88 -25.87 2.87 -4.43
N TYR B 89 -25.89 3.18 -5.72
CA TYR B 89 -24.84 2.71 -6.62
C TYR B 89 -23.56 3.51 -6.49
N ALA B 90 -22.43 2.82 -6.36
CA ALA B 90 -21.13 3.48 -6.27
C ALA B 90 -20.07 2.42 -6.48
N ASP B 91 -18.81 2.84 -6.45
CA ASP B 91 -17.70 1.91 -6.63
C ASP B 91 -16.46 2.52 -6.00
N LEU B 92 -15.67 1.72 -5.30
CA LEU B 92 -14.46 2.22 -4.68
C LEU B 92 -13.40 2.69 -5.68
N THR B 93 -13.62 2.42 -6.96
CA THR B 93 -12.67 2.87 -7.98
C THR B 93 -13.18 4.16 -8.62
N ASP B 94 -14.26 4.69 -8.07
CA ASP B 94 -14.89 5.91 -8.57
C ASP B 94 -15.05 6.88 -7.41
N ALA B 95 -14.05 7.75 -7.23
CA ALA B 95 -14.05 8.72 -6.13
C ALA B 95 -15.26 9.64 -6.15
N SER B 96 -15.72 10.02 -7.34
CA SER B 96 -16.88 10.91 -7.48
C SER B 96 -18.10 10.29 -6.82
N SER B 97 -18.31 9.00 -7.08
CA SER B 97 -19.48 8.31 -6.52
C SER B 97 -19.44 8.27 -5.00
N LEU B 98 -18.25 8.12 -4.42
CA LEU B 98 -18.11 8.06 -2.98
C LEU B 98 -18.48 9.39 -2.33
N ARG B 99 -17.88 10.48 -2.83
CA ARG B 99 -18.15 11.80 -2.28
C ARG B 99 -19.61 12.20 -2.46
N ARG B 100 -20.18 11.87 -3.63
CA ARG B 100 -21.58 12.18 -3.92
C ARG B 100 -22.51 11.67 -2.82
N TRP B 101 -22.39 10.39 -2.48
CA TRP B 101 -23.24 9.81 -1.46
C TRP B 101 -22.93 10.28 -0.05
N ILE B 102 -21.66 10.55 0.24
CA ILE B 102 -21.31 11.04 1.56
C ILE B 102 -21.99 12.40 1.74
N ASP B 103 -21.96 13.23 0.70
CA ASP B 103 -22.59 14.57 0.75
C ASP B 103 -24.10 14.48 0.95
N VAL B 104 -24.74 13.56 0.23
CA VAL B 104 -26.19 13.39 0.31
C VAL B 104 -26.62 12.78 1.63
N ILE B 105 -25.92 11.73 2.05
CA ILE B 105 -26.23 11.01 3.27
C ILE B 105 -25.83 11.67 4.58
N LYS B 106 -24.68 12.35 4.60
CA LYS B 106 -24.18 13.00 5.80
C LYS B 106 -24.10 11.99 6.94
N PRO B 107 -23.37 10.89 6.72
CA PRO B 107 -23.21 9.84 7.73
C PRO B 107 -22.47 10.27 8.99
N ASP B 108 -22.80 9.61 10.09
CA ASP B 108 -22.13 9.86 11.36
C ASP B 108 -20.99 8.86 11.46
N GLU B 109 -21.20 7.68 10.89
CA GLU B 109 -20.19 6.62 10.91
C GLU B 109 -20.05 6.02 9.53
N VAL B 110 -18.82 5.76 9.13
CA VAL B 110 -18.53 5.16 7.82
C VAL B 110 -17.71 3.89 8.07
N TYR B 111 -18.16 2.78 7.50
CA TYR B 111 -17.49 1.50 7.65
C TYR B 111 -17.04 1.04 6.28
N ASN B 112 -15.73 1.04 6.05
CA ASN B 112 -15.22 0.63 4.75
C ASN B 112 -14.95 -0.88 4.71
N LEU B 113 -15.96 -1.65 4.32
CA LEU B 113 -15.82 -3.09 4.24
C LEU B 113 -15.61 -3.55 2.79
N ALA B 114 -15.78 -2.66 1.82
CA ALA B 114 -15.63 -3.02 0.41
C ALA B 114 -14.23 -3.50 0.04
N ALA B 115 -14.16 -4.60 -0.70
CA ALA B 115 -12.88 -5.15 -1.14
C ALA B 115 -13.02 -6.37 -2.04
N GLN B 116 -11.99 -6.60 -2.85
CA GLN B 116 -11.89 -7.80 -3.66
C GLN B 116 -11.19 -8.54 -2.52
N SER B 117 -11.95 -9.31 -1.75
CA SER B 117 -11.42 -9.94 -0.54
C SER B 117 -10.78 -11.31 -0.59
N HIS B 118 -10.67 -11.89 -1.77
CA HIS B 118 -10.10 -13.23 -1.87
C HIS B 118 -8.61 -13.22 -2.20
N VAL B 119 -7.82 -13.88 -1.36
CA VAL B 119 -6.38 -13.93 -1.52
C VAL B 119 -5.93 -14.60 -2.80
N ALA B 120 -6.46 -15.77 -3.10
CA ALA B 120 -6.06 -16.48 -4.31
C ALA B 120 -6.38 -15.65 -5.54
N VAL B 121 -7.59 -15.11 -5.59
CA VAL B 121 -7.99 -14.27 -6.71
C VAL B 121 -7.06 -13.06 -6.89
N SER B 122 -6.54 -12.52 -5.78
CA SER B 122 -5.69 -11.34 -5.89
C SER B 122 -4.42 -11.58 -6.71
N PHE B 123 -3.94 -12.82 -6.77
CA PHE B 123 -2.76 -13.10 -7.58
C PHE B 123 -3.13 -13.03 -9.07
N GLU B 124 -4.39 -13.34 -9.37
CA GLU B 124 -4.90 -13.32 -10.75
C GLU B 124 -5.19 -11.90 -11.25
N ILE B 125 -5.76 -11.06 -10.39
CA ILE B 125 -6.08 -9.68 -10.73
C ILE B 125 -5.48 -8.70 -9.69
N PRO B 126 -4.15 -8.65 -9.61
CA PRO B 126 -3.46 -7.77 -8.67
C PRO B 126 -3.74 -6.28 -8.82
N ASP B 127 -3.72 -5.79 -10.05
CA ASP B 127 -3.95 -4.37 -10.31
C ASP B 127 -5.34 -3.94 -9.83
N TYR B 128 -6.37 -4.66 -10.26
CA TYR B 128 -7.73 -4.32 -9.84
C TYR B 128 -7.82 -4.41 -8.31
N THR B 129 -7.29 -5.48 -7.74
CA THR B 129 -7.35 -5.65 -6.28
C THR B 129 -6.73 -4.45 -5.56
N ALA B 130 -5.57 -4.01 -6.02
CA ALA B 130 -4.89 -2.87 -5.38
C ALA B 130 -5.72 -1.59 -5.53
N ASP B 131 -6.32 -1.38 -6.69
CA ASP B 131 -7.09 -0.16 -6.90
C ASP B 131 -8.30 -0.07 -5.96
N VAL B 132 -8.87 -1.22 -5.62
CA VAL B 132 -10.03 -1.26 -4.73
C VAL B 132 -9.64 -1.30 -3.25
N VAL B 133 -8.74 -2.23 -2.93
CA VAL B 133 -8.34 -2.46 -1.54
C VAL B 133 -7.39 -1.43 -0.95
N ALA B 134 -6.46 -0.93 -1.76
CA ALA B 134 -5.52 0.05 -1.27
C ALA B 134 -5.96 1.47 -1.62
N THR B 135 -5.95 1.81 -2.90
CA THR B 135 -6.33 3.15 -3.30
C THR B 135 -7.79 3.47 -3.01
N GLY B 136 -8.67 2.47 -3.15
CA GLY B 136 -10.08 2.70 -2.89
C GLY B 136 -10.31 3.17 -1.46
N ALA B 137 -9.55 2.62 -0.52
CA ALA B 137 -9.67 3.00 0.88
C ALA B 137 -9.25 4.46 1.02
N LEU B 138 -8.16 4.83 0.35
CA LEU B 138 -7.67 6.21 0.40
C LEU B 138 -8.69 7.16 -0.23
N ARG B 139 -9.37 6.72 -1.29
CA ARG B 139 -10.38 7.56 -1.94
C ARG B 139 -11.49 7.85 -0.94
N LEU B 140 -11.90 6.83 -0.18
CA LEU B 140 -12.96 7.01 0.79
C LEU B 140 -12.49 7.92 1.93
N LEU B 141 -11.27 7.70 2.40
CA LEU B 141 -10.72 8.53 3.47
C LEU B 141 -10.69 10.00 3.04
N GLU B 142 -10.23 10.24 1.81
CA GLU B 142 -10.12 11.59 1.29
C GLU B 142 -11.50 12.21 1.04
N ALA B 143 -12.47 11.40 0.63
CA ALA B 143 -13.82 11.93 0.42
C ALA B 143 -14.41 12.33 1.77
N VAL B 144 -14.16 11.52 2.79
CA VAL B 144 -14.66 11.83 4.13
C VAL B 144 -13.97 13.09 4.66
N ARG B 145 -12.64 13.15 4.49
CA ARG B 145 -11.90 14.33 4.96
C ARG B 145 -12.42 15.59 4.25
N SER B 146 -12.57 15.50 2.93
CA SER B 146 -13.05 16.63 2.15
C SER B 146 -14.45 17.07 2.60
N HIS B 147 -15.31 16.09 2.84
CA HIS B 147 -16.67 16.36 3.29
C HIS B 147 -16.69 17.09 4.65
N THR B 148 -15.89 16.60 5.58
CA THR B 148 -15.85 17.22 6.91
C THR B 148 -15.31 18.65 6.86
N ILE B 149 -14.32 18.89 6.00
CA ILE B 149 -13.75 20.22 5.88
C ILE B 149 -14.75 21.19 5.25
N ASP B 150 -15.42 20.75 4.20
CA ASP B 150 -16.37 21.59 3.48
C ASP B 150 -17.68 21.83 4.23
N SER B 151 -18.12 20.84 4.99
CA SER B 151 -19.39 20.94 5.72
C SER B 151 -19.24 21.25 7.21
N GLY B 152 -18.05 21.01 7.75
CA GLY B 152 -17.82 21.26 9.17
C GLY B 152 -18.36 20.13 10.05
N ARG B 153 -18.84 19.06 9.42
CA ARG B 153 -19.39 17.93 10.15
C ARG B 153 -18.31 17.00 10.70
N THR B 154 -18.70 16.12 11.61
CA THR B 154 -17.81 15.15 12.21
C THR B 154 -18.23 13.74 11.77
N VAL B 155 -17.26 12.94 11.36
CA VAL B 155 -17.53 11.58 10.91
C VAL B 155 -16.53 10.60 11.53
N LYS B 156 -17.02 9.47 12.01
CA LYS B 156 -16.17 8.44 12.59
C LYS B 156 -15.97 7.41 11.49
N TYR B 157 -14.77 6.85 11.41
CA TYR B 157 -14.43 5.95 10.30
C TYR B 157 -13.79 4.62 10.71
N TYR B 158 -14.25 3.54 10.08
CA TYR B 158 -13.73 2.21 10.34
C TYR B 158 -13.13 1.59 9.09
N GLN B 159 -11.90 1.11 9.17
CA GLN B 159 -11.24 0.44 8.05
C GLN B 159 -11.18 -1.04 8.35
N ALA B 160 -11.61 -1.85 7.39
CA ALA B 160 -11.62 -3.30 7.55
C ALA B 160 -10.24 -3.92 7.31
N GLY B 161 -9.40 -3.89 8.33
CA GLY B 161 -8.07 -4.47 8.24
C GLY B 161 -8.15 -5.98 8.37
N SER B 162 -7.06 -6.66 8.05
CA SER B 162 -7.05 -8.11 8.06
C SER B 162 -5.77 -8.72 8.59
N SER B 163 -5.89 -9.88 9.23
CA SER B 163 -4.72 -10.59 9.77
C SER B 163 -3.81 -11.01 8.61
N GLU B 164 -4.34 -10.98 7.41
CA GLU B 164 -3.57 -11.35 6.23
C GLU B 164 -2.36 -10.39 6.11
N MET B 165 -2.50 -9.21 6.70
CA MET B 165 -1.40 -8.24 6.67
C MET B 165 -0.15 -8.79 7.34
N PHE B 166 -0.31 -9.64 8.35
CA PHE B 166 0.84 -10.19 9.06
C PHE B 166 1.61 -11.15 8.17
N GLY B 167 0.90 -11.83 7.27
CA GLY B 167 1.55 -12.76 6.35
C GLY B 167 2.35 -13.85 7.04
N SER B 168 3.63 -13.94 6.70
CA SER B 168 4.50 -14.96 7.28
C SER B 168 5.07 -14.65 8.66
N THR B 169 4.76 -13.49 9.21
CA THR B 169 5.25 -13.15 10.55
C THR B 169 4.63 -14.18 11.51
N PRO B 170 5.47 -14.87 12.30
CA PRO B 170 4.93 -15.86 13.22
C PRO B 170 3.95 -15.41 14.29
N PRO B 171 3.05 -16.31 14.69
CA PRO B 171 2.04 -16.03 15.72
C PRO B 171 2.62 -16.15 17.13
N PRO B 172 1.92 -15.61 18.14
CA PRO B 172 0.65 -14.90 18.01
C PRO B 172 0.88 -13.48 17.51
N GLN B 173 -0.05 -12.99 16.69
CA GLN B 173 0.07 -11.66 16.14
C GLN B 173 -0.82 -10.65 16.86
N SER B 174 -0.23 -9.55 17.33
CA SER B 174 -0.97 -8.51 18.02
C SER B 174 -0.88 -7.21 17.20
N GLU B 175 -1.41 -6.12 17.74
CA GLU B 175 -1.40 -4.86 17.01
C GLU B 175 -0.03 -4.37 16.59
N THR B 176 0.99 -4.73 17.39
CA THR B 176 2.37 -4.30 17.13
C THR B 176 3.24 -5.32 16.40
N THR B 177 2.63 -6.40 15.93
CA THR B 177 3.38 -7.41 15.20
C THR B 177 3.68 -6.89 13.80
N PRO B 178 4.91 -7.09 13.31
CA PRO B 178 5.26 -6.59 11.97
C PRO B 178 4.54 -7.28 10.83
N PHE B 179 4.27 -6.51 9.77
CA PHE B 179 3.58 -7.06 8.60
C PHE B 179 4.58 -7.63 7.62
N HIS B 180 4.27 -8.79 7.05
CA HIS B 180 5.10 -9.37 6.00
C HIS B 180 4.08 -10.00 5.05
N PRO B 181 3.32 -9.15 4.33
CA PRO B 181 2.29 -9.62 3.39
C PRO B 181 2.80 -10.62 2.35
N ARG B 182 1.97 -11.62 2.07
CA ARG B 182 2.31 -12.69 1.14
C ARG B 182 1.42 -12.76 -0.11
N SER B 183 0.65 -11.70 -0.36
CA SER B 183 -0.21 -11.66 -1.55
C SER B 183 -0.51 -10.21 -1.91
N PRO B 184 -0.95 -9.97 -3.15
CA PRO B 184 -1.27 -8.59 -3.56
C PRO B 184 -2.38 -8.05 -2.65
N TYR B 185 -3.33 -8.91 -2.30
CA TYR B 185 -4.41 -8.50 -1.41
C TYR B 185 -3.87 -8.04 -0.07
N ALA B 186 -2.99 -8.86 0.52
CA ALA B 186 -2.41 -8.55 1.81
C ALA B 186 -1.62 -7.24 1.78
N ALA B 187 -0.80 -7.06 0.75
CA ALA B 187 0.00 -5.84 0.63
C ALA B 187 -0.93 -4.64 0.50
N SER B 188 -2.02 -4.82 -0.24
CA SER B 188 -2.97 -3.73 -0.43
C SER B 188 -3.67 -3.39 0.89
N LYS B 189 -3.97 -4.39 1.71
CA LYS B 189 -4.60 -4.12 3.00
C LYS B 189 -3.60 -3.38 3.90
N CYS B 190 -2.33 -3.71 3.78
CA CYS B 190 -1.30 -3.05 4.56
C CYS B 190 -1.29 -1.57 4.17
N ALA B 191 -1.42 -1.31 2.87
CA ALA B 191 -1.45 0.06 2.37
C ALA B 191 -2.66 0.79 2.97
N ALA B 192 -3.83 0.18 2.89
CA ALA B 192 -5.05 0.81 3.44
C ALA B 192 -4.89 1.09 4.93
N HIS B 193 -4.24 0.18 5.63
CA HIS B 193 -4.01 0.32 7.08
C HIS B 193 -3.21 1.60 7.32
N TRP B 194 -2.09 1.73 6.60
CA TRP B 194 -1.25 2.89 6.77
C TRP B 194 -1.88 4.20 6.29
N TYR B 195 -2.70 4.16 5.24
CA TYR B 195 -3.36 5.39 4.80
C TYR B 195 -4.32 5.83 5.92
N THR B 196 -4.96 4.85 6.54
CA THR B 196 -5.93 5.13 7.60
C THR B 196 -5.25 5.70 8.85
N VAL B 197 -4.16 5.06 9.28
CA VAL B 197 -3.39 5.54 10.42
C VAL B 197 -2.93 6.97 10.12
N ASN B 198 -2.47 7.21 8.89
CA ASN B 198 -1.97 8.53 8.52
C ASN B 198 -3.06 9.61 8.58
N TYR B 199 -4.27 9.30 8.15
CA TYR B 199 -5.33 10.31 8.21
C TYR B 199 -5.68 10.61 9.67
N ARG B 200 -5.57 9.60 10.54
CA ARG B 200 -5.84 9.82 11.96
C ARG B 200 -4.74 10.72 12.55
N GLU B 201 -3.49 10.37 12.29
CA GLU B 201 -2.36 11.13 12.82
C GLU B 201 -2.16 12.53 12.21
N ALA B 202 -2.34 12.64 10.90
CA ALA B 202 -2.14 13.92 10.24
C ALA B 202 -3.30 14.89 10.36
N TYR B 203 -4.53 14.38 10.33
CA TYR B 203 -5.71 15.24 10.36
C TYR B 203 -6.60 15.11 11.58
N GLY B 204 -6.30 14.18 12.47
CA GLY B 204 -7.14 14.01 13.64
C GLY B 204 -8.47 13.34 13.32
N LEU B 205 -8.53 12.66 12.18
CA LEU B 205 -9.77 11.96 11.81
C LEU B 205 -9.99 10.83 12.79
N PHE B 206 -11.23 10.64 13.23
CA PHE B 206 -11.52 9.54 14.16
C PHE B 206 -11.60 8.32 13.24
N ALA B 207 -10.44 7.72 12.98
CA ALA B 207 -10.36 6.57 12.10
C ALA B 207 -9.70 5.40 12.82
N CYS B 208 -10.40 4.27 12.82
CA CYS B 208 -9.93 3.06 13.46
C CYS B 208 -9.67 1.95 12.47
N ASN B 209 -8.64 1.15 12.75
CA ASN B 209 -8.34 0.00 11.91
C ASN B 209 -8.70 -1.24 12.69
N GLY B 210 -9.65 -2.01 12.18
CA GLY B 210 -10.01 -3.26 12.82
C GLY B 210 -9.11 -4.30 12.18
N ILE B 211 -8.24 -4.92 12.97
CA ILE B 211 -7.36 -5.95 12.41
C ILE B 211 -8.03 -7.26 12.75
N LEU B 212 -9.03 -7.60 11.95
CA LEU B 212 -9.78 -8.83 12.17
C LEU B 212 -9.16 -10.07 11.56
N PHE B 213 -9.15 -11.14 12.35
CA PHE B 213 -8.64 -12.40 11.86
C PHE B 213 -9.82 -13.08 11.15
N ASN B 214 -9.55 -14.17 10.46
CA ASN B 214 -10.59 -14.85 9.69
C ASN B 214 -11.91 -15.02 10.43
N HIS B 215 -13.01 -14.64 9.78
CA HIS B 215 -14.32 -14.85 10.38
C HIS B 215 -15.26 -15.36 9.29
N GLU B 216 -15.98 -16.42 9.66
CA GLU B 216 -16.87 -17.13 8.76
C GLU B 216 -18.32 -17.12 9.24
N SER B 217 -19.20 -17.74 8.47
CA SER B 217 -20.62 -17.80 8.79
C SER B 217 -21.31 -18.54 7.67
N PRO B 218 -22.63 -18.78 7.80
CA PRO B 218 -23.35 -19.47 6.74
C PRO B 218 -23.45 -18.60 5.49
N ARG B 219 -23.02 -17.33 5.62
CA ARG B 219 -23.05 -16.39 4.49
C ARG B 219 -21.67 -16.17 3.87
N ARG B 220 -20.68 -16.89 4.35
CA ARG B 220 -19.31 -16.76 3.85
C ARG B 220 -19.27 -17.11 2.35
N GLY B 221 -18.42 -16.41 1.59
CA GLY B 221 -18.30 -16.70 0.17
C GLY B 221 -17.91 -18.16 -0.01
N GLU B 222 -18.48 -18.84 -1.00
CA GLU B 222 -18.21 -20.26 -1.21
C GLU B 222 -16.81 -20.59 -1.72
N ASN B 223 -16.04 -19.56 -2.06
CA ASN B 223 -14.69 -19.76 -2.55
C ASN B 223 -13.68 -19.76 -1.41
N PHE B 224 -14.11 -19.42 -0.21
CA PHE B 224 -13.20 -19.45 0.94
C PHE B 224 -13.22 -20.89 1.45
N VAL B 225 -12.10 -21.34 2.04
CA VAL B 225 -12.02 -22.75 2.43
C VAL B 225 -13.08 -23.33 3.37
N THR B 226 -13.48 -22.58 4.37
CA THR B 226 -14.48 -23.07 5.32
C THR B 226 -15.82 -23.33 4.65
N ARG B 227 -16.33 -22.34 3.93
CA ARG B 227 -17.62 -22.48 3.25
C ARG B 227 -17.51 -23.50 2.11
N LYS B 228 -16.37 -23.54 1.44
CA LYS B 228 -16.17 -24.50 0.35
C LYS B 228 -16.35 -25.91 0.94
N ILE B 229 -15.77 -26.12 2.12
CA ILE B 229 -15.87 -27.42 2.79
C ILE B 229 -17.29 -27.77 3.24
N THR B 230 -17.95 -26.85 3.94
CA THR B 230 -19.30 -27.15 4.43
C THR B 230 -20.32 -27.28 3.29
N ARG B 231 -20.14 -26.49 2.23
CA ARG B 231 -21.06 -26.57 1.10
C ARG B 231 -20.91 -27.95 0.45
N ALA B 232 -19.66 -28.35 0.23
CA ALA B 232 -19.37 -29.65 -0.39
C ALA B 232 -19.85 -30.78 0.50
N LEU B 233 -19.61 -30.65 1.82
CA LEU B 233 -20.01 -31.68 2.75
C LEU B 233 -21.51 -31.93 2.67
N GLY B 234 -22.29 -30.86 2.67
CA GLY B 234 -23.73 -30.99 2.60
C GLY B 234 -24.13 -31.76 1.35
N ARG B 235 -23.55 -31.39 0.21
CA ARG B 235 -23.85 -32.04 -1.05
C ARG B 235 -23.39 -33.51 -1.05
N ILE B 236 -22.28 -33.79 -0.39
CA ILE B 236 -21.78 -35.16 -0.31
C ILE B 236 -22.73 -35.99 0.53
N LYS B 237 -23.18 -35.42 1.65
CA LYS B 237 -24.08 -36.11 2.55
C LYS B 237 -25.39 -36.54 1.86
N VAL B 238 -25.91 -35.69 0.98
CA VAL B 238 -27.17 -36.01 0.30
C VAL B 238 -26.99 -36.72 -1.05
N GLY B 239 -25.75 -36.93 -1.46
CA GLY B 239 -25.50 -37.63 -2.70
C GLY B 239 -25.38 -36.80 -3.97
N LEU B 240 -25.27 -35.48 -3.82
CA LEU B 240 -25.14 -34.60 -4.99
C LEU B 240 -23.69 -34.39 -5.39
N GLN B 241 -22.77 -34.79 -4.53
CA GLN B 241 -21.34 -34.63 -4.80
C GLN B 241 -20.57 -35.81 -4.20
N THR B 242 -19.46 -36.18 -4.83
CA THR B 242 -18.68 -37.30 -4.33
C THR B 242 -17.22 -37.01 -4.00
N LYS B 243 -16.67 -35.94 -4.56
CA LYS B 243 -15.27 -35.57 -4.28
C LYS B 243 -15.11 -34.09 -3.93
N LEU B 244 -14.21 -33.81 -2.99
CA LEU B 244 -13.93 -32.45 -2.56
C LEU B 244 -12.46 -32.18 -2.82
N PHE B 245 -12.18 -31.25 -3.72
CA PHE B 245 -10.80 -30.92 -4.07
C PHE B 245 -10.30 -29.71 -3.28
N LEU B 246 -9.17 -29.89 -2.60
CA LEU B 246 -8.59 -28.83 -1.79
C LEU B 246 -7.08 -28.71 -2.02
N GLY B 247 -6.48 -27.72 -1.38
CA GLY B 247 -5.04 -27.51 -1.54
C GLY B 247 -4.25 -27.86 -0.29
N ASN B 248 -3.73 -26.83 0.37
CA ASN B 248 -2.92 -27.00 1.57
C ASN B 248 -3.76 -27.22 2.82
N LEU B 249 -3.76 -28.45 3.34
CA LEU B 249 -4.55 -28.76 4.53
C LEU B 249 -3.86 -28.40 5.84
N GLN B 250 -2.57 -28.11 5.82
CA GLN B 250 -1.86 -27.77 7.05
C GLN B 250 -1.91 -26.31 7.45
N ALA B 251 -2.44 -25.45 6.58
CA ALA B 251 -2.54 -24.03 6.90
C ALA B 251 -3.37 -23.90 8.17
N SER B 252 -2.92 -23.05 9.09
CA SER B 252 -3.64 -22.85 10.34
C SER B 252 -4.21 -21.44 10.45
N ARG B 253 -5.47 -21.36 10.87
CA ARG B 253 -6.16 -20.09 11.01
C ARG B 253 -6.94 -19.95 12.30
N ASP B 254 -7.14 -18.69 12.68
CA ASP B 254 -7.90 -18.30 13.86
C ASP B 254 -9.25 -17.98 13.20
N TRP B 255 -10.25 -18.82 13.44
CA TRP B 255 -11.58 -18.64 12.84
C TRP B 255 -12.67 -18.28 13.84
N GLY B 256 -13.32 -17.14 13.62
CA GLY B 256 -14.40 -16.70 14.48
C GLY B 256 -15.69 -16.51 13.68
N PHE B 257 -16.77 -16.14 14.36
CA PHE B 257 -18.06 -15.93 13.71
C PHE B 257 -18.26 -14.47 13.30
N ALA B 258 -18.58 -14.25 12.02
CA ALA B 258 -18.79 -12.90 11.50
C ALA B 258 -19.78 -12.08 12.34
N GLY B 259 -20.85 -12.72 12.78
CA GLY B 259 -21.84 -12.00 13.59
C GLY B 259 -21.25 -11.40 14.85
N ASP B 260 -20.30 -12.09 15.46
CA ASP B 260 -19.65 -11.61 16.68
C ASP B 260 -18.69 -10.45 16.37
N TYR B 261 -17.98 -10.58 15.26
CA TYR B 261 -16.98 -9.60 14.87
C TYR B 261 -17.49 -8.22 14.48
N VAL B 262 -18.65 -8.15 13.82
CA VAL B 262 -19.16 -6.84 13.42
C VAL B 262 -19.45 -6.00 14.66
N GLU B 263 -19.74 -6.66 15.79
CA GLU B 263 -20.01 -5.93 17.03
C GLU B 263 -18.74 -5.17 17.45
N ALA B 264 -17.59 -5.80 17.25
CA ALA B 264 -16.33 -5.17 17.60
C ALA B 264 -16.09 -3.92 16.75
N MET B 265 -16.48 -3.98 15.48
CA MET B 265 -16.29 -2.81 14.60
C MET B 265 -17.02 -1.61 15.19
N TRP B 266 -18.28 -1.83 15.55
CA TRP B 266 -19.10 -0.77 16.12
C TRP B 266 -18.50 -0.26 17.44
N LEU B 267 -18.07 -1.19 18.28
CA LEU B 267 -17.48 -0.82 19.58
C LEU B 267 -16.29 0.10 19.44
N MET B 268 -15.45 -0.13 18.44
CA MET B 268 -14.28 0.71 18.23
C MET B 268 -14.67 2.16 18.00
N LEU B 269 -15.74 2.38 17.25
CA LEU B 269 -16.19 3.73 16.95
C LEU B 269 -16.92 4.41 18.10
N GLN B 270 -17.18 3.69 19.18
CA GLN B 270 -17.88 4.29 20.32
C GLN B 270 -16.91 4.74 21.41
N GLN B 271 -15.62 4.45 21.23
CA GLN B 271 -14.63 4.84 22.22
C GLN B 271 -14.33 6.34 22.19
N GLU B 272 -13.69 6.84 23.24
CA GLU B 272 -13.36 8.25 23.33
C GLU B 272 -12.36 8.68 22.26
N LYS B 273 -11.40 7.81 21.97
CA LYS B 273 -10.40 8.11 20.96
C LYS B 273 -10.25 6.95 19.98
N PRO B 274 -9.81 7.26 18.76
CA PRO B 274 -9.63 6.24 17.73
C PRO B 274 -8.35 5.43 17.95
N ASP B 275 -8.36 4.17 17.54
CA ASP B 275 -7.20 3.31 17.73
C ASP B 275 -7.36 2.09 16.84
N ASP B 276 -6.38 1.21 16.86
CA ASP B 276 -6.42 -0.02 16.07
C ASP B 276 -6.51 -1.20 17.01
N TYR B 277 -7.31 -2.20 16.63
CA TYR B 277 -7.51 -3.36 17.49
C TYR B 277 -7.56 -4.69 16.75
N VAL B 278 -6.88 -5.68 17.30
CA VAL B 278 -6.94 -7.02 16.75
C VAL B 278 -8.22 -7.64 17.33
N VAL B 279 -8.97 -8.32 16.47
CA VAL B 279 -10.20 -8.99 16.87
C VAL B 279 -10.00 -10.43 16.40
N ALA B 280 -9.99 -11.35 17.35
CA ALA B 280 -9.73 -12.76 17.04
C ALA B 280 -10.19 -13.65 18.19
N THR B 281 -10.15 -14.96 17.98
CA THR B 281 -10.55 -15.90 19.02
C THR B 281 -9.35 -16.35 19.84
N GLU B 282 -8.16 -16.11 19.29
CA GLU B 282 -6.89 -16.47 19.93
C GLU B 282 -6.62 -17.98 19.90
N GLU B 283 -7.40 -18.70 19.10
CA GLU B 283 -7.23 -20.14 18.98
C GLU B 283 -7.07 -20.47 17.50
N GLY B 284 -6.04 -21.24 17.18
CA GLY B 284 -5.80 -21.61 15.79
C GLY B 284 -6.13 -23.07 15.51
N HIS B 285 -6.53 -23.36 14.27
CA HIS B 285 -6.85 -24.71 13.84
C HIS B 285 -6.48 -24.85 12.38
N THR B 286 -6.08 -26.04 11.97
CA THR B 286 -5.70 -26.28 10.59
C THR B 286 -6.94 -26.57 9.75
N VAL B 287 -6.77 -26.50 8.43
CA VAL B 287 -7.84 -26.82 7.52
C VAL B 287 -8.17 -28.29 7.75
N GLU B 288 -7.16 -29.09 8.06
CA GLU B 288 -7.41 -30.50 8.31
C GLU B 288 -8.31 -30.70 9.53
N GLU B 289 -8.14 -29.89 10.57
CA GLU B 289 -8.99 -30.00 11.75
C GLU B 289 -10.41 -29.60 11.39
N PHE B 290 -10.54 -28.58 10.54
CA PHE B 290 -11.87 -28.14 10.12
C PHE B 290 -12.57 -29.31 9.45
N LEU B 291 -11.84 -30.06 8.63
CA LEU B 291 -12.39 -31.22 7.94
C LEU B 291 -12.79 -32.30 8.94
N ASP B 292 -11.93 -32.53 9.94
CA ASP B 292 -12.20 -33.53 10.97
C ASP B 292 -13.52 -33.23 11.68
N VAL B 293 -13.65 -32.00 12.16
CA VAL B 293 -14.84 -31.60 12.89
C VAL B 293 -16.10 -31.61 12.04
N SER B 294 -16.02 -31.02 10.85
CA SER B 294 -17.18 -30.95 9.97
C SER B 294 -17.68 -32.31 9.48
N PHE B 295 -16.83 -33.09 8.81
CA PHE B 295 -17.24 -34.39 8.31
C PHE B 295 -17.62 -35.33 9.46
N GLY B 296 -16.84 -35.28 10.55
CA GLY B 296 -17.11 -36.14 11.69
C GLY B 296 -18.49 -35.84 12.29
N TYR B 297 -18.89 -34.57 12.25
CA TYR B 297 -20.18 -34.13 12.78
C TYR B 297 -21.34 -34.84 12.08
N LEU B 298 -21.12 -35.21 10.81
CA LEU B 298 -22.15 -35.90 10.05
C LEU B 298 -21.85 -37.39 9.90
N GLY B 299 -20.95 -37.89 10.74
CA GLY B 299 -20.59 -39.30 10.70
C GLY B 299 -19.83 -39.77 9.47
N LEU B 300 -19.10 -38.85 8.82
CA LEU B 300 -18.34 -39.21 7.64
C LEU B 300 -16.84 -39.07 7.86
N ASN B 301 -16.06 -39.76 7.05
CA ASN B 301 -14.60 -39.70 7.12
C ASN B 301 -14.15 -38.86 5.94
N TRP B 302 -13.69 -37.64 6.20
CA TRP B 302 -13.28 -36.77 5.11
C TRP B 302 -12.24 -37.37 4.19
N LYS B 303 -11.43 -38.29 4.72
CA LYS B 303 -10.39 -38.92 3.91
C LYS B 303 -10.96 -39.74 2.77
N ASP B 304 -12.25 -40.08 2.85
CA ASP B 304 -12.90 -40.84 1.79
C ASP B 304 -13.31 -39.95 0.61
N TYR B 305 -13.39 -38.65 0.84
CA TYR B 305 -13.84 -37.73 -0.19
C TYR B 305 -12.87 -36.66 -0.67
N VAL B 306 -11.92 -36.29 0.19
CA VAL B 306 -10.96 -35.25 -0.16
C VAL B 306 -9.80 -35.69 -1.02
N GLU B 307 -9.51 -34.87 -2.03
CA GLU B 307 -8.40 -35.10 -2.92
C GLU B 307 -7.66 -33.76 -3.03
N ILE B 308 -6.35 -33.83 -3.15
CA ILE B 308 -5.54 -32.63 -3.24
C ILE B 308 -5.27 -32.22 -4.67
N ASP B 309 -5.59 -30.97 -4.97
CA ASP B 309 -5.38 -30.43 -6.31
C ASP B 309 -4.40 -29.26 -6.18
N GLN B 310 -3.20 -29.42 -6.73
CA GLN B 310 -2.16 -28.40 -6.66
C GLN B 310 -2.60 -27.01 -7.13
N ARG B 311 -3.64 -26.98 -7.95
CA ARG B 311 -4.13 -25.69 -8.47
C ARG B 311 -4.62 -24.79 -7.34
N TYR B 312 -4.97 -25.38 -6.20
CA TYR B 312 -5.47 -24.60 -5.07
C TYR B 312 -4.42 -24.08 -4.12
N PHE B 313 -3.15 -24.38 -4.40
CA PHE B 313 -2.08 -23.88 -3.57
C PHE B 313 -1.81 -22.44 -4.03
N ARG B 314 -1.37 -21.58 -3.12
CA ARG B 314 -1.08 -20.19 -3.48
C ARG B 314 0.41 -20.03 -3.78
N PRO B 315 0.77 -19.07 -4.64
CA PRO B 315 2.17 -18.81 -5.02
C PRO B 315 3.05 -18.54 -3.78
N ALA B 316 2.47 -17.90 -2.78
CA ALA B 316 3.15 -17.61 -1.52
C ALA B 316 2.10 -17.83 -0.44
N GLU B 317 2.31 -18.84 0.40
CA GLU B 317 1.35 -19.19 1.44
C GLU B 317 1.54 -18.48 2.79
N VAL B 318 0.45 -18.42 3.55
CA VAL B 318 0.43 -17.84 4.89
C VAL B 318 0.17 -19.07 5.75
N ASP B 319 1.20 -19.51 6.46
CA ASP B 319 1.14 -20.72 7.26
C ASP B 319 0.36 -20.75 8.56
N ASN B 320 0.43 -19.70 9.35
CA ASN B 320 -0.21 -19.73 10.66
C ASN B 320 -0.60 -18.37 11.21
N LEU B 321 -1.90 -18.16 11.38
CA LEU B 321 -2.40 -16.92 11.95
C LEU B 321 -3.16 -17.24 13.23
N GLN B 322 -2.79 -16.57 14.31
CA GLN B 322 -3.45 -16.74 15.60
C GLN B 322 -3.33 -15.39 16.31
N GLY B 323 -4.47 -14.76 16.54
CA GLY B 323 -4.44 -13.45 17.15
C GLY B 323 -4.35 -13.34 18.66
N ASP B 324 -3.86 -12.19 19.09
CA ASP B 324 -3.75 -11.84 20.50
C ASP B 324 -4.70 -10.66 20.57
N ALA B 325 -5.92 -10.91 21.06
CA ALA B 325 -6.96 -9.88 21.16
C ALA B 325 -7.10 -9.30 22.56
N SER B 326 -6.00 -9.25 23.30
CA SER B 326 -6.01 -8.72 24.67
C SER B 326 -6.47 -7.26 24.71
N LYS B 327 -6.01 -6.46 23.76
CA LYS B 327 -6.39 -5.05 23.72
C LYS B 327 -7.89 -4.87 23.55
N ALA B 328 -8.47 -5.60 22.60
CA ALA B 328 -9.91 -5.52 22.36
C ALA B 328 -10.69 -5.92 23.61
N LYS B 329 -10.24 -6.98 24.27
CA LYS B 329 -10.92 -7.45 25.48
C LYS B 329 -10.87 -6.40 26.58
N GLU B 330 -9.69 -5.82 26.80
CA GLU B 330 -9.50 -4.81 27.83
C GLU B 330 -10.17 -3.47 27.55
N VAL B 331 -9.95 -2.93 26.35
CA VAL B 331 -10.51 -1.63 26.00
C VAL B 331 -11.97 -1.64 25.55
N LEU B 332 -12.31 -2.54 24.63
CA LEU B 332 -13.66 -2.61 24.10
C LEU B 332 -14.61 -3.48 24.92
N GLY B 333 -14.05 -4.42 25.66
CA GLY B 333 -14.86 -5.32 26.47
C GLY B 333 -15.45 -6.37 25.55
N TRP B 334 -14.81 -6.54 24.39
CA TRP B 334 -15.27 -7.51 23.40
C TRP B 334 -14.64 -8.88 23.62
N LYS B 335 -15.45 -9.91 23.41
CA LYS B 335 -15.01 -11.29 23.52
C LYS B 335 -15.87 -12.10 22.55
N PRO B 336 -15.27 -13.09 21.88
CA PRO B 336 -16.06 -13.88 20.93
C PRO B 336 -17.06 -14.76 21.69
N GLN B 337 -18.24 -14.95 21.12
CA GLN B 337 -19.26 -15.78 21.76
C GLN B 337 -19.28 -17.18 21.16
N VAL B 338 -19.10 -17.26 19.84
CA VAL B 338 -19.11 -18.53 19.12
C VAL B 338 -17.72 -19.14 18.99
N GLY B 339 -17.55 -20.33 19.56
CA GLY B 339 -16.27 -21.02 19.51
C GLY B 339 -16.09 -21.79 18.20
N PHE B 340 -14.90 -22.37 18.01
CA PHE B 340 -14.59 -23.10 16.79
C PHE B 340 -15.59 -24.20 16.42
N GLU B 341 -15.84 -25.14 17.34
CA GLU B 341 -16.76 -26.25 17.07
C GLU B 341 -18.18 -25.76 16.79
N LYS B 342 -18.66 -24.80 17.57
CA LYS B 342 -19.99 -24.28 17.36
C LYS B 342 -20.09 -23.63 15.96
N LEU B 343 -19.03 -22.93 15.56
CA LEU B 343 -19.00 -22.26 14.25
C LEU B 343 -19.05 -23.29 13.13
N VAL B 344 -18.20 -24.30 13.21
CA VAL B 344 -18.17 -25.34 12.20
C VAL B 344 -19.56 -25.99 12.07
N LYS B 345 -20.16 -26.37 13.20
CA LYS B 345 -21.47 -27.01 13.20
C LYS B 345 -22.57 -26.08 12.68
N MET B 346 -22.46 -24.81 12.99
CA MET B 346 -23.45 -23.84 12.52
C MET B 346 -23.42 -23.83 10.99
N MET B 347 -22.21 -23.80 10.43
CA MET B 347 -22.05 -23.79 8.98
C MET B 347 -22.49 -25.10 8.34
N VAL B 348 -22.14 -26.22 8.98
CA VAL B 348 -22.51 -27.53 8.44
C VAL B 348 -24.05 -27.68 8.45
N ASP B 349 -24.68 -27.31 9.56
CA ASP B 349 -26.14 -27.41 9.64
C ASP B 349 -26.82 -26.64 8.52
N GLU B 350 -26.40 -25.39 8.32
CA GLU B 350 -26.99 -24.55 7.29
C GLU B 350 -26.77 -25.08 5.89
N ASP B 351 -25.55 -25.51 5.59
CA ASP B 351 -25.26 -26.02 4.27
C ASP B 351 -25.86 -27.40 4.01
N LEU B 352 -26.17 -28.13 5.08
CA LEU B 352 -26.79 -29.45 4.90
C LEU B 352 -28.23 -29.16 4.46
N GLU B 353 -28.85 -28.19 5.11
CA GLU B 353 -30.22 -27.81 4.79
C GLU B 353 -30.29 -27.33 3.33
N LEU B 354 -29.30 -26.54 2.90
CA LEU B 354 -29.27 -26.06 1.53
C LEU B 354 -29.14 -27.24 0.56
N ALA B 355 -28.27 -28.18 0.91
CA ALA B 355 -28.05 -29.36 0.08
C ALA B 355 -29.32 -30.21 -0.04
N LYS B 356 -30.07 -30.32 1.04
CA LYS B 356 -31.32 -31.09 1.01
C LYS B 356 -32.29 -30.42 0.06
N ARG B 357 -32.36 -29.10 0.11
CA ARG B 357 -33.26 -28.36 -0.77
C ARG B 357 -32.83 -28.57 -2.22
N GLU B 358 -31.53 -28.55 -2.46
CA GLU B 358 -31.01 -28.77 -3.80
C GLU B 358 -31.32 -30.17 -4.30
N LYS B 359 -31.22 -31.14 -3.40
CA LYS B 359 -31.49 -32.53 -3.76
C LYS B 359 -32.92 -32.66 -4.27
N VAL B 360 -33.86 -32.01 -3.59
CA VAL B 360 -35.27 -32.06 -3.98
C VAL B 360 -35.43 -31.50 -5.39
N LEU B 361 -34.83 -30.33 -5.64
CA LEU B 361 -34.90 -29.66 -6.95
C LEU B 361 -34.26 -30.46 -8.07
N VAL B 362 -33.11 -31.06 -7.78
CA VAL B 362 -32.44 -31.86 -8.79
C VAL B 362 -33.23 -33.12 -9.13
N ASP B 363 -33.68 -33.82 -8.11
CA ASP B 363 -34.45 -35.04 -8.34
C ASP B 363 -35.72 -34.73 -9.12
N ALA B 364 -36.30 -33.55 -8.88
CA ALA B 364 -37.55 -33.16 -9.53
C ALA B 364 -37.38 -32.51 -10.91
N GLY B 365 -36.13 -32.35 -11.35
CA GLY B 365 -35.88 -31.77 -12.65
C GLY B 365 -35.92 -30.26 -12.74
N TYR B 366 -35.76 -29.58 -11.62
CA TYR B 366 -35.75 -28.11 -11.61
C TYR B 366 -34.34 -27.58 -11.54
N MET B 367 -33.37 -28.46 -11.39
CA MET B 367 -31.97 -28.08 -11.29
C MET B 367 -31.11 -29.22 -11.85
PA NDP C . 12.04 13.12 -9.26
O1A NDP C . 10.82 13.76 -8.70
O2A NDP C . 13.19 13.98 -9.65
O5B NDP C . 11.64 12.32 -10.56
C5B NDP C . 10.44 11.58 -10.65
C4B NDP C . 10.34 10.95 -12.02
O4B NDP C . 9.08 10.22 -12.11
C3B NDP C . 10.32 11.95 -13.17
O3B NDP C . 10.92 11.33 -14.30
C2B NDP C . 8.82 12.12 -13.38
O2B NDP C . 8.43 12.70 -14.63
C1B NDP C . 8.39 10.66 -13.28
N9A NDP C . 6.95 10.42 -13.08
C8A NDP C . 6.11 11.00 -12.17
N7A NDP C . 4.86 10.63 -12.30
C5A NDP C . 4.88 9.74 -13.36
C6A NDP C . 3.86 8.99 -14.00
N6A NDP C . 2.58 9.05 -13.66
N1A NDP C . 4.22 8.20 -15.03
C2A NDP C . 5.52 8.16 -15.39
N3A NDP C . 6.55 8.81 -14.88
C4A NDP C . 6.16 9.60 -13.86
O3 NDP C . 12.58 11.99 -8.22
PN NDP C . 14.04 11.40 -7.80
O1N NDP C . 14.54 12.46 -6.85
O2N NDP C . 14.72 11.32 -9.16
O5D NDP C . 13.67 10.07 -7.17
C5D NDP C . 13.66 8.88 -7.96
C4D NDP C . 12.82 7.82 -7.28
O4D NDP C . 13.39 7.52 -5.97
C3D NDP C . 11.37 8.24 -7.01
O3D NDP C . 10.56 7.07 -7.02
C2D NDP C . 11.44 8.83 -5.60
O2D NDP C . 10.17 8.70 -4.99
C1D NDP C . 12.46 7.89 -4.97
N1N NDP C . 13.24 8.31 -3.79
C2N NDP C . 13.86 9.55 -3.72
C3N NDP C . 14.65 9.94 -2.69
C7N NDP C . 15.41 11.06 -2.83
O7N NDP C . 15.99 11.60 -1.88
N7N NDP C . 15.56 11.52 -4.06
C4N NDP C . 14.81 9.04 -1.48
C5N NDP C . 14.33 7.62 -1.78
C6N NDP C . 13.58 7.32 -2.86
P2B NDP C . 8.19 14.19 -14.82
O1X NDP C . 7.26 14.16 -16.03
O2X NDP C . 7.56 14.70 -13.53
O3X NDP C . 9.60 14.71 -15.09
PB GDP D . 11.59 14.65 2.46
O1B GDP D . 11.37 13.74 1.25
O2B GDP D . 10.36 15.36 3.02
O3B GDP D . 12.64 14.19 3.48
O3A GDP D . 12.34 15.89 1.72
PA GDP D . 12.21 17.52 1.74
O1A GDP D . 13.51 18.05 1.26
O2A GDP D . 10.96 17.95 1.07
O5' GDP D . 12.06 17.93 3.27
C5' GDP D . 13.06 17.57 4.22
C4' GDP D . 12.71 18.09 5.58
O4' GDP D . 12.88 19.54 5.58
C3' GDP D . 11.27 17.82 6.04
O3' GDP D . 11.24 17.54 7.43
C2' GDP D . 10.58 19.16 5.77
O2' GDP D . 9.48 19.38 6.64
C1' GDP D . 11.70 20.14 6.09
N9 GDP D . 11.58 21.48 5.54
C8 GDP D . 11.68 22.66 6.24
N7 GDP D . 11.39 23.71 5.53
C5 GDP D . 11.07 23.20 4.28
C6 GDP D . 10.67 23.87 3.09
O6 GDP D . 10.50 25.08 2.91
N1 GDP D . 10.47 22.97 2.04
C2 GDP D . 10.62 21.61 2.14
N2 GDP D . 10.41 20.92 1.00
N3 GDP D . 10.97 20.98 3.24
C4 GDP D . 11.18 21.83 4.26
PA NDP E . -16.92 -10.12 0.92
O1A NDP E . -16.01 -10.52 -0.19
O2A NDP E . -18.04 -11.02 1.30
O5B NDP E . -17.59 -8.74 0.56
C5B NDP E . -16.87 -7.72 -0.11
C4B NDP E . -17.78 -6.55 -0.36
O4B NDP E . -17.07 -5.52 -1.09
C3B NDP E . -18.99 -6.90 -1.22
O3B NDP E . -20.06 -6.04 -0.84
C2B NDP E . -18.50 -6.50 -2.61
O2B NDP E . -19.53 -6.32 -3.57
C1B NDP E . -17.80 -5.19 -2.25
N9A NDP E . -16.88 -4.65 -3.24
C8A NDP E . -15.86 -5.30 -3.90
N7A NDP E . -15.27 -4.57 -4.81
C5A NDP E . -15.95 -3.36 -4.75
C6A NDP E . -15.79 -2.16 -5.48
N6A NDP E . -14.90 -1.99 -6.46
N1A NDP E . -16.61 -1.12 -5.17
C2A NDP E . -17.53 -1.30 -4.20
N3A NDP E . -17.78 -2.38 -3.46
C4A NDP E . -16.94 -3.39 -3.80
O3 NDP E . -16.03 -9.81 2.24
PN NDP E . -16.24 -9.93 3.85
O1N NDP E . -16.03 -11.40 4.09
O2N NDP E . -17.66 -9.41 4.01
O5D NDP E . -15.14 -9.00 4.34
C5D NDP E . -15.45 -7.65 4.70
C4D NDP E . -14.19 -6.81 4.66
O4D NDP E . -13.29 -7.27 5.70
C3D NDP E . -13.41 -6.90 3.36
O3D NDP E . -12.71 -5.68 3.16
C2D NDP E . -12.42 -8.03 3.61
O2D NDP E . -11.25 -7.84 2.83
C1D NDP E . -12.11 -7.81 5.10
N1N NDP E . -11.67 -8.92 5.94
C2N NDP E . -12.24 -10.19 5.90
C3N NDP E . -11.89 -11.21 6.69
C7N NDP E . -12.67 -12.30 6.74
O7N NDP E . -12.33 -13.36 7.26
N7N NDP E . -13.90 -12.16 6.23
C4N NDP E . -10.71 -11.06 7.63
C5N NDP E . -10.31 -9.59 7.79
C6N NDP E . -10.76 -8.62 6.97
P2B NDP E . -20.02 -7.41 -4.52
O1X NDP E . -20.56 -6.54 -5.66
O2X NDP E . -18.81 -8.24 -4.88
O3X NDP E . -21.08 -8.11 -3.68
PB GDP F . -7.50 -16.56 3.61
O1B GDP F . -8.19 -15.22 3.42
O2B GDP F . -6.63 -17.06 2.45
O3B GDP F . -7.03 -16.91 5.02
O3A GDP F . -8.81 -17.53 3.44
PA GDP F . -9.17 -18.88 2.60
O1A GDP F . -10.37 -19.46 3.25
O2A GDP F . -9.22 -18.59 1.15
O5' GDP F . -7.94 -19.87 2.82
C5' GDP F . -7.54 -20.26 4.12
C4' GDP F . -6.41 -21.26 4.03
O4' GDP F . -6.93 -22.51 3.48
C3' GDP F . -5.25 -20.86 3.13
O3' GDP F . -4.02 -21.27 3.71
C2' GDP F . -5.53 -21.65 1.85
O2' GDP F . -4.34 -21.93 1.12
C1' GDP F . -6.08 -22.94 2.44
N9 GDP F . -6.84 -23.80 1.54
C8 GDP F . -6.61 -25.13 1.30
N7 GDP F . -7.33 -25.60 0.31
C5 GDP F . -8.07 -24.52 -0.13
C6 GDP F . -9.03 -24.42 -1.17
O6 GDP F . -9.41 -25.29 -1.97
N1 GDP F . -9.58 -23.14 -1.25
C2 GDP F . -9.23 -22.09 -0.44
N2 GDP F . -9.87 -20.93 -0.65
N3 GDP F . -8.31 -22.16 0.52
C4 GDP F . -7.79 -23.39 0.62
#